data_5I5Y
#
_entry.id   5I5Y
#
_cell.length_a   58.920
_cell.length_b   109.920
_cell.length_c   59.918
_cell.angle_alpha   90.000
_cell.angle_beta   96.980
_cell.angle_gamma   90.000
#
_symmetry.space_group_name_H-M   'P 1 21 1'
#
loop_
_entity.id
_entity.type
_entity.pdbx_description
1 polymer 'Branched-chain-amino-acid aminotransferase, mitochondrial'
2 non-polymer "PYRIDOXAL-5'-PHOSPHATE"
3 non-polymer '{2-[(5-methyl-4-oxo-3,4-dihydrothieno[2,3-d]pyrimidine-6-carbonyl)amino]phenyl}acetic acid'
4 non-polymer 'CHLORIDE ION'
5 non-polymer 1,2-ETHANEDIOL
6 non-polymer GLYCEROL
7 water water
#
_entity_poly.entity_id   1
_entity_poly.type   'polypeptide(L)'
_entity_poly.pdbx_seq_one_letter_code
;GSHMASSSFKAADLQLEMTQKPHKKPGPGEPLVFGKTFTDHMLMVEWNDKGWGQPRIQPFQNLTLHPASSSLHYSLQLFE
GMKAFKGKDQQVRLFRPWLNMDRMLRSAMRLCLPSFDKLELLECIRRLIEVDKDWVPDAAGTSLYVRPVLIGNEPSLGVS
QPTRALLFVILCPVGAYFPGGSVTPVSLLADPAFIRAWVGGVGNYKLGGNYGPTVLVQQEALKRGCEQVLWLYGPDHQLT
EVGTMNIFVYWTHEDGVLELVTPPLNGVILPGVVRQSLLDMAQTWGEFRVVERTITMKQLLRALEEGRVREVFGSGTACQ
VCPVHRILYKDRNLHIPTMENGPELILRFQKELKEIQYGIRAHEWMFPV
;
_entity_poly.pdbx_strand_id   A,B
#
# COMPACT_ATOMS: atom_id res chain seq x y z
N SER A 7 -16.50 12.75 18.23
CA SER A 7 -15.65 12.34 19.38
C SER A 7 -15.41 10.82 19.41
N SER A 8 -14.36 10.45 20.13
CA SER A 8 -13.88 9.07 20.23
C SER A 8 -14.85 8.10 20.90
N PHE A 9 -14.64 6.82 20.60
CA PHE A 9 -15.24 5.76 21.38
C PHE A 9 -14.62 5.84 22.78
N LYS A 10 -15.35 5.33 23.77
CA LYS A 10 -14.91 5.39 25.16
C LYS A 10 -14.88 3.99 25.76
N ALA A 11 -13.83 3.72 26.55
CA ALA A 11 -13.75 2.48 27.26
C ALA A 11 -14.93 2.31 28.23
N ALA A 12 -15.47 3.42 28.73
CA ALA A 12 -16.61 3.39 29.64
C ALA A 12 -17.83 2.76 28.97
N ASP A 13 -17.84 2.78 27.63
CA ASP A 13 -18.94 2.23 26.83
C ASP A 13 -18.71 0.80 26.35
N LEU A 14 -17.62 0.18 26.80
CA LEU A 14 -17.30 -1.19 26.36
C LEU A 14 -18.41 -2.20 26.54
N GLN A 15 -18.61 -2.97 25.48
CA GLN A 15 -19.57 -4.03 25.43
C GLN A 15 -18.72 -5.31 25.45
N LEU A 16 -19.12 -6.29 26.26
CA LEU A 16 -18.34 -7.52 26.36
C LEU A 16 -19.15 -8.75 26.03
N GLU A 17 -18.61 -9.59 25.16
CA GLU A 17 -19.19 -10.89 24.84
C GLU A 17 -18.10 -11.95 24.99
N MET A 18 -18.22 -12.78 26.02
CA MET A 18 -17.26 -13.86 26.24
C MET A 18 -17.53 -14.99 25.27
N THR A 19 -16.48 -15.74 24.90
CA THR A 19 -16.59 -16.82 23.93
C THR A 19 -17.25 -18.05 24.54
N GLN A 20 -17.77 -18.90 23.67
CA GLN A 20 -18.36 -20.18 24.07
C GLN A 20 -17.62 -21.36 23.48
N LYS A 21 -16.64 -21.08 22.63
CA LYS A 21 -15.84 -22.11 22.00
C LYS A 21 -14.37 -21.72 22.14
N PRO A 22 -13.87 -21.64 23.39
CA PRO A 22 -12.45 -21.33 23.55
C PRO A 22 -11.62 -22.43 22.88
N HIS A 23 -10.47 -22.08 22.32
CA HIS A 23 -9.63 -23.09 21.67
C HIS A 23 -8.39 -23.36 22.50
N LYS A 24 -7.76 -24.49 22.22
CA LYS A 24 -6.56 -24.90 22.92
C LYS A 24 -5.46 -23.87 22.73
N LYS A 25 -4.86 -23.47 23.85
CA LYS A 25 -3.71 -22.59 23.81
C LYS A 25 -2.52 -23.42 23.35
N PRO A 26 -1.61 -22.82 22.55
CA PRO A 26 -0.42 -23.58 22.18
C PRO A 26 0.43 -23.83 23.41
N GLY A 27 1.07 -24.99 23.46
CA GLY A 27 1.95 -25.34 24.57
C GLY A 27 3.34 -24.80 24.33
N PRO A 28 4.09 -24.51 25.42
CA PRO A 28 5.44 -23.97 25.25
C PRO A 28 6.41 -24.92 24.54
N GLY A 29 6.22 -26.22 24.71
CA GLY A 29 7.09 -27.24 24.10
C GLY A 29 7.05 -27.34 22.59
N GLU A 30 5.96 -26.88 21.97
CA GLU A 30 5.84 -26.94 20.51
C GLU A 30 6.31 -25.61 19.88
N PRO A 31 7.22 -25.69 18.87
CA PRO A 31 7.73 -24.49 18.23
C PRO A 31 6.71 -23.82 17.29
N LEU A 32 6.41 -22.56 17.54
CA LEU A 32 5.44 -21.80 16.74
C LEU A 32 6.12 -20.95 15.68
N VAL A 33 5.56 -20.95 14.48
CA VAL A 33 5.93 -19.98 13.46
C VAL A 33 5.18 -18.73 13.92
N PHE A 34 5.77 -17.55 13.74
CA PHE A 34 5.14 -16.32 14.23
C PHE A 34 3.81 -15.99 13.53
N GLY A 35 2.84 -15.57 14.32
CA GLY A 35 1.67 -14.88 13.79
C GLY A 35 0.52 -15.67 13.22
N LYS A 36 0.42 -16.95 13.55
CA LYS A 36 -0.64 -17.82 13.00
C LYS A 36 -1.66 -18.31 14.04
N THR A 37 -1.38 -18.08 15.32
CA THR A 37 -2.25 -18.54 16.40
C THR A 37 -2.76 -17.36 17.20
N PHE A 38 -4.08 -17.24 17.31
CA PHE A 38 -4.67 -16.10 17.98
C PHE A 38 -5.45 -16.47 19.23
N THR A 39 -5.66 -15.48 20.08
CA THR A 39 -6.36 -15.65 21.35
C THR A 39 -7.89 -15.70 21.15
N ASP A 40 -8.62 -15.88 22.25
CA ASP A 40 -10.07 -16.12 22.15
C ASP A 40 -10.92 -14.92 21.79
N HIS A 41 -10.47 -13.71 22.08
CA HIS A 41 -11.27 -12.52 21.85
C HIS A 41 -10.55 -11.49 21.02
N MET A 42 -11.34 -10.53 20.55
CA MET A 42 -10.84 -9.40 19.78
C MET A 42 -11.59 -8.12 20.16
N LEU A 43 -10.99 -6.97 19.85
CA LEU A 43 -11.65 -5.68 19.97
C LEU A 43 -12.13 -5.27 18.60
N MET A 44 -13.32 -4.67 18.57
N MET A 44 -13.34 -4.71 18.55
CA MET A 44 -13.91 -4.15 17.34
CA MET A 44 -13.91 -4.17 17.32
C MET A 44 -14.63 -2.86 17.65
C MET A 44 -14.62 -2.86 17.65
N VAL A 45 -14.40 -1.84 16.82
CA VAL A 45 -15.10 -0.56 16.92
C VAL A 45 -15.36 -0.12 15.49
N GLU A 46 -16.59 0.35 15.24
CA GLU A 46 -17.01 0.78 13.91
C GLU A 46 -17.20 2.29 13.87
N TRP A 47 -16.77 2.90 12.77
CA TRP A 47 -16.93 4.34 12.56
C TRP A 47 -17.78 4.62 11.34
N ASN A 48 -18.63 5.63 11.44
CA ASN A 48 -19.38 6.16 10.28
C ASN A 48 -19.41 7.69 10.36
N ASP A 49 -20.11 8.35 9.44
CA ASP A 49 -20.10 9.83 9.42
C ASP A 49 -20.63 10.50 10.70
N LYS A 50 -21.42 9.77 11.48
CA LYS A 50 -21.95 10.28 12.76
C LYS A 50 -20.99 10.04 13.92
N GLY A 51 -19.91 9.30 13.66
CA GLY A 51 -18.88 9.05 14.66
C GLY A 51 -18.65 7.59 14.95
N TRP A 52 -17.97 7.33 16.05
CA TRP A 52 -17.68 5.98 16.47
C TRP A 52 -18.87 5.37 17.21
N GLY A 53 -19.06 4.08 17.01
CA GLY A 53 -20.00 3.31 17.80
C GLY A 53 -19.31 2.94 19.11
N GLN A 54 -19.94 2.08 19.90
CA GLN A 54 -19.33 1.66 21.15
C GLN A 54 -18.35 0.53 20.86
N PRO A 55 -17.25 0.50 21.61
CA PRO A 55 -16.27 -0.55 21.39
C PRO A 55 -16.75 -1.85 21.98
N ARG A 56 -16.34 -2.96 21.40
CA ARG A 56 -16.68 -4.24 21.96
C ARG A 56 -15.57 -5.27 21.95
N ILE A 57 -15.52 -6.03 23.03
CA ILE A 57 -14.68 -7.20 23.12
C ILE A 57 -15.63 -8.33 22.79
N GLN A 58 -15.26 -9.10 21.76
CA GLN A 58 -16.10 -10.18 21.28
C GLN A 58 -15.25 -11.38 20.95
N PRO A 59 -15.88 -12.55 20.78
CA PRO A 59 -15.12 -13.71 20.37
C PRO A 59 -14.41 -13.48 19.05
N PHE A 60 -13.20 -14.04 18.92
CA PHE A 60 -12.43 -13.97 17.69
C PHE A 60 -13.30 -14.52 16.58
N GLN A 61 -13.40 -13.79 15.49
CA GLN A 61 -14.28 -14.20 14.41
C GLN A 61 -13.92 -13.45 13.14
N ASN A 62 -14.52 -13.89 12.04
CA ASN A 62 -14.22 -13.27 10.77
C ASN A 62 -14.82 -11.88 10.63
N LEU A 63 -14.21 -11.11 9.73
CA LEU A 63 -14.72 -9.81 9.31
C LEU A 63 -15.63 -10.05 8.12
N THR A 64 -16.66 -9.24 7.99
CA THR A 64 -17.53 -9.28 6.83
C THR A 64 -17.40 -7.92 6.17
N LEU A 65 -16.84 -7.89 4.97
CA LEU A 65 -16.59 -6.64 4.27
C LEU A 65 -17.27 -6.60 2.90
N HIS A 66 -17.82 -5.43 2.58
CA HIS A 66 -18.38 -5.18 1.25
C HIS A 66 -17.24 -5.35 0.25
N PRO A 67 -17.50 -5.98 -0.91
CA PRO A 67 -16.39 -6.22 -1.86
C PRO A 67 -15.72 -4.97 -2.41
N ALA A 68 -16.38 -3.83 -2.30
CA ALA A 68 -15.80 -2.55 -2.73
C ALA A 68 -15.08 -1.80 -1.60
N SER A 69 -14.99 -2.41 -0.41
CA SER A 69 -14.36 -1.77 0.75
C SER A 69 -13.01 -1.17 0.36
N SER A 70 -12.81 0.12 0.65
CA SER A 70 -11.58 0.80 0.22
C SER A 70 -10.31 0.28 0.90
N SER A 71 -10.48 -0.48 1.98
CA SER A 71 -9.38 -1.22 2.62
C SER A 71 -8.66 -2.17 1.67
N LEU A 72 -9.43 -2.73 0.74
CA LEU A 72 -8.98 -3.77 -0.18
C LEU A 72 -8.60 -3.27 -1.58
N HIS A 73 -9.06 -2.08 -1.97
CA HIS A 73 -8.79 -1.51 -3.28
C HIS A 73 -7.69 -0.48 -3.28
N TYR A 74 -7.70 0.42 -2.29
CA TYR A 74 -6.77 1.55 -2.21
C TYR A 74 -5.93 1.56 -0.94
N SER A 75 -5.85 0.41 -0.30
CA SER A 75 -4.92 0.23 0.84
C SER A 75 -5.12 1.27 1.94
N LEU A 76 -6.39 1.55 2.27
CA LEU A 76 -6.70 2.41 3.38
C LEU A 76 -6.63 1.52 4.60
N GLN A 77 -5.40 1.31 5.06
CA GLN A 77 -5.13 0.36 6.09
C GLN A 77 -3.84 0.71 6.79
N LEU A 78 -3.84 0.50 8.10
CA LEU A 78 -2.64 0.70 8.89
C LEU A 78 -2.70 -0.23 10.09
N PHE A 79 -1.54 -0.44 10.70
CA PHE A 79 -1.48 -1.34 11.84
C PHE A 79 -0.43 -0.89 12.84
N GLU A 80 -0.51 -1.52 14.00
CA GLU A 80 0.47 -1.36 15.05
C GLU A 80 0.95 -2.72 15.53
N GLY A 81 2.01 -2.70 16.30
CA GLY A 81 2.55 -3.92 16.81
C GLY A 81 3.28 -3.63 18.10
N MET A 82 2.85 -4.26 19.19
CA MET A 82 3.53 -4.08 20.47
C MET A 82 3.39 -5.35 21.31
N LYS A 83 4.27 -5.48 22.28
CA LYS A 83 4.33 -6.69 23.09
C LYS A 83 3.94 -6.44 24.52
N ALA A 84 3.24 -7.43 25.08
CA ALA A 84 2.92 -7.47 26.49
C ALA A 84 3.74 -8.64 27.01
N PHE A 85 4.26 -8.49 28.24
CA PHE A 85 5.13 -9.47 28.87
C PHE A 85 4.59 -9.84 30.25
N LYS A 86 4.63 -11.13 30.58
CA LYS A 86 4.21 -11.63 31.89
C LYS A 86 5.44 -11.95 32.73
N GLY A 87 5.59 -11.24 33.85
CA GLY A 87 6.73 -11.45 34.76
C GLY A 87 6.50 -12.67 35.63
N LYS A 88 7.53 -13.05 36.39
CA LYS A 88 7.41 -14.18 37.33
C LYS A 88 6.28 -13.93 38.34
N ASP A 89 6.10 -12.67 38.72
CA ASP A 89 4.98 -12.26 39.59
C ASP A 89 3.59 -12.45 38.93
N GLN A 90 3.59 -12.91 37.67
CA GLN A 90 2.36 -13.16 36.89
C GLN A 90 1.65 -11.89 36.41
N GLN A 91 2.25 -10.73 36.70
CA GLN A 91 1.72 -9.45 36.25
C GLN A 91 2.04 -9.26 34.77
N VAL A 92 1.04 -8.83 34.01
CA VAL A 92 1.20 -8.58 32.58
C VAL A 92 1.40 -7.09 32.38
N ARG A 93 2.37 -6.72 31.55
CA ARG A 93 2.71 -5.34 31.30
C ARG A 93 3.03 -5.08 29.83
N LEU A 94 2.54 -3.97 29.32
CA LEU A 94 2.82 -3.53 27.95
C LEU A 94 4.06 -2.62 27.91
N PHE A 95 4.86 -2.76 26.88
CA PHE A 95 6.06 -1.94 26.73
C PHE A 95 5.73 -0.63 26.04
N ARG A 96 5.87 0.49 26.76
CA ARG A 96 5.69 1.85 26.23
C ARG A 96 4.56 1.99 25.20
N PRO A 97 3.36 1.49 25.56
CA PRO A 97 2.27 1.45 24.57
C PRO A 97 1.79 2.79 24.07
N TRP A 98 2.01 3.84 24.86
CA TRP A 98 1.63 5.21 24.52
C TRP A 98 2.26 5.64 23.21
N LEU A 99 3.51 5.24 23.01
CA LEU A 99 4.24 5.56 21.78
C LEU A 99 3.58 4.88 20.56
N ASN A 100 3.09 3.66 20.73
CA ASN A 100 2.36 2.97 19.65
C ASN A 100 1.07 3.65 19.31
N MET A 101 0.39 4.17 20.32
CA MET A 101 -0.86 4.89 20.09
C MET A 101 -0.56 6.20 19.35
N ASP A 102 0.51 6.90 19.72
CA ASP A 102 0.88 8.15 19.05
C ASP A 102 1.15 7.85 17.57
N ARG A 103 1.90 6.79 17.31
CA ARG A 103 2.26 6.39 15.95
C ARG A 103 1.03 6.00 15.11
N MET A 104 0.14 5.23 15.72
CA MET A 104 -1.10 4.82 15.09
C MET A 104 -1.95 6.01 14.66
N LEU A 105 -2.10 6.99 15.55
CA LEU A 105 -2.87 8.18 15.22
C LEU A 105 -2.23 8.95 14.05
N ARG A 106 -0.90 9.04 14.04
CA ARG A 106 -0.20 9.70 12.93
C ARG A 106 -0.46 8.95 11.62
N SER A 107 -0.44 7.62 11.68
CA SER A 107 -0.72 6.81 10.48
C SER A 107 -2.14 7.08 10.01
N ALA A 108 -3.08 7.14 10.94
CA ALA A 108 -4.49 7.39 10.61
C ALA A 108 -4.67 8.75 9.92
N MET A 109 -4.02 9.79 10.42
CA MET A 109 -4.18 11.11 9.82
C MET A 109 -3.61 11.09 8.40
N ARG A 110 -2.49 10.40 8.20
CA ARG A 110 -1.86 10.35 6.88
C ARG A 110 -2.77 9.72 5.83
N LEU A 111 -3.61 8.75 6.23
CA LEU A 111 -4.53 8.10 5.30
C LEU A 111 -5.97 8.60 5.37
N CYS A 112 -6.17 9.75 6.02
CA CYS A 112 -7.50 10.36 6.12
C CYS A 112 -8.52 9.40 6.75
N LEU A 113 -8.05 8.66 7.75
CA LEU A 113 -8.88 7.75 8.53
C LEU A 113 -9.25 8.43 9.84
N PRO A 114 -10.33 7.98 10.49
CA PRO A 114 -10.79 8.76 11.63
C PRO A 114 -9.90 8.80 12.86
N SER A 115 -9.87 9.97 13.49
N SER A 115 -9.80 9.97 13.49
CA SER A 115 -9.17 10.16 14.75
CA SER A 115 -9.07 10.09 14.74
C SER A 115 -9.88 9.39 15.86
C SER A 115 -9.86 9.45 15.87
N PHE A 116 -9.14 9.12 16.94
CA PHE A 116 -9.70 8.49 18.12
C PHE A 116 -8.86 8.96 19.30
N ASP A 117 -9.32 8.67 20.51
CA ASP A 117 -8.61 9.10 21.71
C ASP A 117 -7.61 8.00 22.03
N LYS A 118 -6.33 8.36 22.02
CA LYS A 118 -5.28 7.37 22.23
C LYS A 118 -5.39 6.62 23.57
N LEU A 119 -5.79 7.34 24.62
CA LEU A 119 -5.92 6.72 25.94
C LEU A 119 -7.15 5.82 26.03
N GLU A 120 -8.23 6.17 25.34
CA GLU A 120 -9.41 5.31 25.27
C GLU A 120 -9.05 4.01 24.55
N LEU A 121 -8.30 4.09 23.44
CA LEU A 121 -7.90 2.85 22.79
C LEU A 121 -6.98 2.02 23.68
N LEU A 122 -6.03 2.67 24.35
CA LEU A 122 -5.12 1.95 25.22
C LEU A 122 -5.91 1.20 26.34
N GLU A 123 -6.88 1.86 26.92
CA GLU A 123 -7.70 1.21 27.97
C GLU A 123 -8.53 0.04 27.39
N CYS A 124 -9.09 0.21 26.19
CA CYS A 124 -9.81 -0.89 25.55
C CYS A 124 -8.88 -2.09 25.30
N ILE A 125 -7.65 -1.81 24.86
CA ILE A 125 -6.66 -2.87 24.66
C ILE A 125 -6.28 -3.54 25.98
N ARG A 126 -6.12 -2.75 27.03
CA ARG A 126 -5.85 -3.30 28.36
C ARG A 126 -6.95 -4.27 28.75
N ARG A 127 -8.20 -3.83 28.57
CA ARG A 127 -9.37 -4.66 28.92
C ARG A 127 -9.38 -5.94 28.11
N LEU A 128 -9.03 -5.87 26.83
CA LEU A 128 -8.93 -7.06 25.98
C LEU A 128 -7.87 -8.05 26.46
N ILE A 129 -6.67 -7.53 26.74
CA ILE A 129 -5.59 -8.41 27.19
C ILE A 129 -5.99 -9.03 28.53
N GLU A 130 -6.63 -8.23 29.39
CA GLU A 130 -7.12 -8.70 30.70
C GLU A 130 -8.01 -9.90 30.48
N VAL A 131 -9.01 -9.77 29.62
CA VAL A 131 -9.90 -10.88 29.28
C VAL A 131 -9.11 -12.09 28.81
N ASP A 132 -8.11 -11.87 27.97
CA ASP A 132 -7.33 -12.98 27.44
C ASP A 132 -5.99 -13.17 28.18
N LYS A 133 -5.94 -12.75 29.45
CA LYS A 133 -4.68 -12.78 30.22
C LYS A 133 -4.00 -14.16 30.26
N ASP A 134 -4.80 -15.22 30.32
CA ASP A 134 -4.24 -16.57 30.38
C ASP A 134 -3.47 -16.95 29.12
N TRP A 135 -3.68 -16.21 28.03
CA TRP A 135 -2.97 -16.47 26.79
C TRP A 135 -1.54 -15.91 26.81
N VAL A 136 -1.24 -15.06 27.77
CA VAL A 136 0.10 -14.44 27.84
C VAL A 136 1.04 -15.47 28.44
N PRO A 137 1.99 -15.97 27.65
CA PRO A 137 2.92 -16.97 28.17
C PRO A 137 3.94 -16.31 29.11
N ASP A 138 4.60 -17.11 29.95
CA ASP A 138 5.58 -16.59 30.91
C ASP A 138 6.95 -17.27 30.84
N ALA A 139 7.12 -18.19 29.89
CA ALA A 139 8.42 -18.82 29.66
C ALA A 139 9.39 -17.73 29.21
N ALA A 140 10.68 -18.00 29.36
CA ALA A 140 11.71 -17.02 29.02
C ALA A 140 11.65 -16.60 27.57
N GLY A 141 11.74 -15.29 27.34
CA GLY A 141 11.75 -14.71 26.00
C GLY A 141 10.42 -14.79 25.25
N THR A 142 9.33 -15.13 25.96
CA THR A 142 8.02 -15.21 25.32
C THR A 142 7.27 -13.92 25.61
N SER A 143 6.19 -13.71 24.88
CA SER A 143 5.40 -12.51 25.02
C SER A 143 4.08 -12.69 24.29
N LEU A 144 3.23 -11.67 24.38
CA LEU A 144 1.99 -11.57 23.63
C LEU A 144 2.12 -10.40 22.65
N TYR A 145 1.98 -10.66 21.37
CA TYR A 145 2.03 -9.60 20.35
C TYR A 145 0.62 -9.05 20.15
N VAL A 146 0.51 -7.74 20.21
CA VAL A 146 -0.75 -7.03 20.09
C VAL A 146 -0.76 -6.33 18.74
N ARG A 147 -1.81 -6.60 17.96
CA ARG A 147 -1.96 -6.08 16.62
C ARG A 147 -3.24 -5.27 16.42
N PRO A 148 -3.18 -3.96 16.69
CA PRO A 148 -4.25 -3.06 16.33
C PRO A 148 -4.23 -2.80 14.84
N VAL A 149 -5.41 -2.61 14.26
CA VAL A 149 -5.56 -2.33 12.84
C VAL A 149 -6.67 -1.30 12.71
N LEU A 150 -6.47 -0.36 11.79
CA LEU A 150 -7.51 0.60 11.41
C LEU A 150 -7.62 0.56 9.90
N ILE A 151 -8.82 0.31 9.38
CA ILE A 151 -9.02 0.26 7.94
C ILE A 151 -10.17 1.13 7.49
N GLY A 152 -10.02 1.71 6.29
CA GLY A 152 -11.13 2.39 5.64
C GLY A 152 -12.13 1.33 5.23
N ASN A 153 -13.40 1.69 5.17
CA ASN A 153 -14.41 0.67 4.89
C ASN A 153 -15.60 1.27 4.14
N GLU A 154 -15.31 2.19 3.25
CA GLU A 154 -16.34 2.78 2.37
C GLU A 154 -16.68 1.79 1.25
N PRO A 155 -17.97 1.50 1.05
CA PRO A 155 -18.33 0.61 -0.08
C PRO A 155 -18.38 1.38 -1.42
N SER A 156 -17.24 1.93 -1.83
CA SER A 156 -17.16 2.75 -3.02
C SER A 156 -15.78 2.65 -3.66
N LEU A 157 -15.78 2.63 -4.99
CA LEU A 157 -14.53 2.61 -5.77
C LEU A 157 -13.93 4.00 -5.97
N GLY A 158 -14.58 5.03 -5.45
CA GLY A 158 -14.02 6.38 -5.52
C GLY A 158 -12.75 6.42 -4.70
N VAL A 159 -11.71 7.08 -5.21
CA VAL A 159 -10.46 7.18 -4.46
C VAL A 159 -10.67 8.41 -3.58
N SER A 160 -11.20 8.20 -2.38
N SER A 160 -11.24 8.19 -2.40
CA SER A 160 -11.57 9.32 -1.53
CA SER A 160 -11.66 9.29 -1.53
C SER A 160 -11.53 8.96 -0.06
C SER A 160 -11.50 8.96 -0.06
N GLN A 161 -11.63 9.98 0.78
CA GLN A 161 -11.60 9.79 2.22
C GLN A 161 -12.84 8.98 2.59
N PRO A 162 -12.66 7.87 3.33
CA PRO A 162 -13.82 7.04 3.66
C PRO A 162 -14.76 7.69 4.68
N THR A 163 -16.05 7.36 4.58
CA THR A 163 -17.04 7.81 5.55
C THR A 163 -17.38 6.68 6.52
N ARG A 164 -16.73 5.53 6.35
CA ARG A 164 -16.83 4.39 7.24
C ARG A 164 -15.45 3.81 7.48
N ALA A 165 -15.26 3.25 8.67
CA ALA A 165 -14.00 2.62 9.04
C ALA A 165 -14.19 1.55 10.08
N LEU A 166 -13.16 0.72 10.26
N LEU A 166 -13.19 0.68 10.22
CA LEU A 166 -13.19 -0.36 11.23
CA LEU A 166 -13.18 -0.35 11.25
C LEU A 166 -11.86 -0.40 11.98
C LEU A 166 -11.86 -0.32 11.98
N LEU A 167 -11.92 -0.38 13.31
CA LEU A 167 -10.72 -0.50 14.14
C LEU A 167 -10.87 -1.80 14.90
N PHE A 168 -9.91 -2.71 14.73
CA PHE A 168 -9.91 -3.93 15.51
C PHE A 168 -8.53 -4.24 16.08
N VAL A 169 -8.53 -5.11 17.09
CA VAL A 169 -7.29 -5.53 17.69
C VAL A 169 -7.36 -7.03 17.90
N ILE A 170 -6.30 -7.71 17.46
CA ILE A 170 -6.14 -9.13 17.68
C ILE A 170 -4.79 -9.37 18.38
N LEU A 171 -4.71 -10.52 19.04
CA LEU A 171 -3.60 -10.90 19.92
C LEU A 171 -3.00 -12.24 19.51
N CYS A 172 -1.68 -12.35 19.58
N CYS A 172 -1.68 -12.30 19.51
CA CYS A 172 -0.97 -13.52 19.13
CA CYS A 172 -0.93 -13.50 19.20
C CYS A 172 0.14 -13.90 20.14
C CYS A 172 0.03 -13.80 20.34
N PRO A 173 -0.01 -15.01 20.90
CA PRO A 173 1.12 -15.37 21.79
C PRO A 173 2.33 -15.72 20.93
N VAL A 174 3.53 -15.37 21.36
N VAL A 174 3.53 -15.39 21.42
CA VAL A 174 4.72 -15.71 20.59
CA VAL A 174 4.77 -15.58 20.68
C VAL A 174 5.79 -16.36 21.47
C VAL A 174 5.80 -16.36 21.51
N GLY A 175 6.51 -17.31 20.89
CA GLY A 175 7.61 -18.02 21.56
C GLY A 175 8.90 -17.22 21.45
N ALA A 176 10.05 -17.83 21.77
CA ALA A 176 11.35 -17.13 21.75
C ALA A 176 11.91 -16.87 20.34
N TYR A 177 12.14 -15.59 19.99
CA TYR A 177 12.69 -15.21 18.67
C TYR A 177 14.01 -15.91 18.39
N PHE A 178 14.91 -15.84 19.37
CA PHE A 178 16.17 -16.57 19.32
C PHE A 178 15.94 -17.91 20.06
N PRO A 179 15.62 -18.98 19.33
CA PRO A 179 15.42 -20.27 20.00
C PRO A 179 16.71 -20.76 20.63
N GLY A 180 16.68 -20.96 21.94
CA GLY A 180 17.87 -21.33 22.71
C GLY A 180 18.18 -20.23 23.71
N GLY A 181 17.83 -19.00 23.36
CA GLY A 181 18.01 -17.86 24.27
C GLY A 181 19.35 -17.18 24.12
N SER A 182 19.76 -16.92 22.88
CA SER A 182 21.02 -16.23 22.60
C SER A 182 21.05 -15.62 21.19
N VAL A 183 21.65 -14.42 21.10
CA VAL A 183 21.76 -13.68 19.83
C VAL A 183 22.33 -14.46 18.64
N THR A 184 21.60 -14.41 17.53
CA THR A 184 21.97 -15.03 16.26
C THR A 184 22.09 -13.93 15.21
N PRO A 185 23.30 -13.76 14.64
CA PRO A 185 23.49 -12.69 13.67
C PRO A 185 22.91 -12.98 12.30
N VAL A 186 22.59 -11.92 11.56
CA VAL A 186 22.02 -12.07 10.23
C VAL A 186 22.92 -11.43 9.17
N SER A 187 22.79 -11.93 7.96
CA SER A 187 23.48 -11.40 6.81
C SER A 187 22.48 -10.57 6.02
N LEU A 188 22.94 -9.50 5.40
CA LEU A 188 22.07 -8.56 4.67
C LEU A 188 22.47 -8.35 3.21
N LEU A 189 21.48 -8.27 2.33
CA LEU A 189 21.72 -7.88 0.95
C LEU A 189 21.49 -6.37 0.85
N ALA A 190 22.50 -5.65 0.36
CA ALA A 190 22.41 -4.19 0.16
C ALA A 190 22.47 -3.88 -1.31
N ASP A 191 21.31 -3.81 -1.94
CA ASP A 191 21.24 -3.52 -3.36
C ASP A 191 20.46 -2.22 -3.54
N PRO A 192 21.12 -1.17 -4.06
CA PRO A 192 20.45 0.12 -4.15
C PRO A 192 19.28 0.18 -5.11
N ALA A 193 19.08 -0.88 -5.90
CA ALA A 193 17.95 -0.93 -6.83
C ALA A 193 16.59 -1.04 -6.14
N PHE A 194 16.57 -1.49 -4.89
CA PHE A 194 15.35 -1.69 -4.12
C PHE A 194 15.17 -0.50 -3.20
N ILE A 195 14.03 0.17 -3.26
CA ILE A 195 13.84 1.36 -2.42
C ILE A 195 12.56 1.20 -1.59
N ARG A 196 12.72 1.21 -0.28
CA ARG A 196 11.62 0.96 0.66
C ARG A 196 10.69 2.16 0.79
N ALA A 197 11.25 3.35 0.69
CA ALA A 197 10.51 4.56 1.01
C ALA A 197 11.29 5.76 0.50
N TRP A 198 10.64 6.91 0.39
N TRP A 198 10.59 6.89 0.36
CA TRP A 198 11.32 8.09 -0.08
CA TRP A 198 11.16 8.10 -0.23
C TRP A 198 10.80 9.33 0.63
C TRP A 198 10.78 9.35 0.59
N VAL A 199 11.64 10.36 0.60
CA VAL A 199 11.30 11.61 1.26
C VAL A 199 10.08 12.19 0.55
N GLY A 200 9.05 12.49 1.30
CA GLY A 200 7.78 12.94 0.73
C GLY A 200 6.77 11.81 0.66
N GLY A 201 7.22 10.57 0.85
CA GLY A 201 6.35 9.41 0.82
C GLY A 201 5.73 9.09 2.17
N VAL A 202 5.55 7.81 2.44
CA VAL A 202 4.86 7.35 3.65
C VAL A 202 5.58 6.23 4.42
N GLY A 203 6.88 6.13 4.21
CA GLY A 203 7.67 5.12 4.91
C GLY A 203 7.79 5.31 6.41
N ASN A 204 7.49 6.53 6.88
CA ASN A 204 7.60 6.82 8.30
C ASN A 204 6.29 6.55 9.06
N TYR A 205 5.32 5.96 8.37
CA TYR A 205 4.06 5.52 8.97
C TYR A 205 3.94 4.01 8.82
N LYS A 206 3.26 3.35 9.74
CA LYS A 206 3.13 1.89 9.69
C LYS A 206 1.87 1.54 8.88
N LEU A 207 1.99 1.73 7.56
CA LEU A 207 0.88 1.53 6.63
C LEU A 207 1.09 0.22 5.92
N GLY A 208 0.03 -0.56 5.71
CA GLY A 208 0.13 -1.84 4.99
C GLY A 208 0.88 -1.76 3.67
N GLY A 209 0.66 -0.69 2.93
CA GLY A 209 1.27 -0.49 1.61
C GLY A 209 2.79 -0.48 1.58
N ASN A 210 3.41 -0.20 2.72
CA ASN A 210 4.88 -0.26 2.83
C ASN A 210 5.46 -1.67 2.91
N TYR A 211 4.62 -2.67 3.16
CA TYR A 211 5.10 -4.02 3.44
C TYR A 211 4.93 -5.01 2.32
N GLY A 212 3.78 -4.99 1.64
CA GLY A 212 3.56 -5.90 0.52
C GLY A 212 4.67 -5.91 -0.53
N PRO A 213 5.16 -4.73 -0.95
CA PRO A 213 6.21 -4.69 -1.98
C PRO A 213 7.55 -5.26 -1.53
N THR A 214 7.73 -5.49 -0.23
CA THR A 214 9.00 -5.99 0.29
C THR A 214 9.12 -7.50 0.21
N VAL A 215 8.00 -8.18 -0.02
CA VAL A 215 7.99 -9.64 -0.01
C VAL A 215 8.92 -10.17 -1.10
N LEU A 216 8.77 -9.64 -2.31
CA LEU A 216 9.62 -10.03 -3.43
C LEU A 216 11.10 -9.70 -3.21
N VAL A 217 11.36 -8.55 -2.60
CA VAL A 217 12.74 -8.12 -2.35
C VAL A 217 13.40 -9.05 -1.32
N GLN A 218 12.65 -9.41 -0.28
CA GLN A 218 13.15 -10.37 0.71
C GLN A 218 13.45 -11.73 0.07
N GLN A 219 12.62 -12.17 -0.89
CA GLN A 219 12.90 -13.43 -1.62
C GLN A 219 14.20 -13.30 -2.41
N GLU A 220 14.42 -12.11 -2.97
CA GLU A 220 15.67 -11.86 -3.70
C GLU A 220 16.89 -11.94 -2.79
N ALA A 221 16.77 -11.41 -1.57
CA ALA A 221 17.84 -11.51 -0.59
C ALA A 221 18.17 -12.98 -0.33
N LEU A 222 17.13 -13.79 -0.11
CA LEU A 222 17.34 -15.23 0.12
C LEU A 222 18.03 -15.89 -1.08
N LYS A 223 17.60 -15.55 -2.29
CA LYS A 223 18.21 -16.13 -3.49
C LYS A 223 19.70 -15.80 -3.57
N ARG A 224 20.08 -14.64 -3.04
CA ARG A 224 21.49 -14.24 -3.03
C ARG A 224 22.24 -14.64 -1.75
N GLY A 225 21.62 -15.52 -0.96
CA GLY A 225 22.26 -16.08 0.22
C GLY A 225 22.28 -15.21 1.45
N CYS A 226 21.45 -14.17 1.47
CA CYS A 226 21.31 -13.31 2.64
C CYS A 226 20.01 -13.60 3.38
N GLU A 227 19.91 -13.15 4.63
CA GLU A 227 18.73 -13.41 5.44
C GLU A 227 17.75 -12.26 5.47
N GLN A 228 18.27 -11.04 5.32
CA GLN A 228 17.43 -9.83 5.36
C GLN A 228 17.93 -8.77 4.38
N VAL A 229 17.14 -7.70 4.22
CA VAL A 229 17.42 -6.62 3.29
C VAL A 229 17.94 -5.38 4.02
N LEU A 230 19.09 -4.86 3.59
CA LEU A 230 19.57 -3.58 4.07
C LEU A 230 19.02 -2.56 3.06
N TRP A 231 18.07 -1.74 3.51
CA TRP A 231 17.42 -0.77 2.64
C TRP A 231 18.28 0.49 2.47
N LEU A 232 18.75 0.72 1.26
CA LEU A 232 19.58 1.86 0.96
C LEU A 232 18.76 2.99 0.34
N TYR A 233 19.20 4.22 0.57
CA TYR A 233 18.49 5.39 0.08
C TYR A 233 19.43 6.48 -0.40
N GLY A 234 19.06 7.08 -1.53
CA GLY A 234 19.76 8.23 -2.07
C GLY A 234 20.99 7.90 -2.90
N PRO A 235 21.54 8.93 -3.55
CA PRO A 235 22.75 8.71 -4.35
C PRO A 235 23.97 8.33 -3.52
N ASP A 236 23.93 8.63 -2.22
CA ASP A 236 25.02 8.33 -1.30
C ASP A 236 24.80 7.01 -0.53
N HIS A 237 23.77 6.25 -0.90
CA HIS A 237 23.57 4.91 -0.33
C HIS A 237 23.54 4.93 1.19
N GLN A 238 22.63 5.74 1.71
CA GLN A 238 22.40 5.85 3.13
C GLN A 238 21.78 4.55 3.61
N LEU A 239 22.26 4.06 4.75
CA LEU A 239 21.66 2.89 5.39
C LEU A 239 20.45 3.36 6.17
N THR A 240 19.27 2.82 5.85
CA THR A 240 18.05 3.33 6.49
C THR A 240 17.49 2.37 7.51
N GLU A 241 17.18 1.16 7.05
CA GLU A 241 16.57 0.11 7.87
C GLU A 241 17.08 -1.26 7.44
N VAL A 242 16.92 -2.22 8.33
CA VAL A 242 17.28 -3.61 8.07
C VAL A 242 15.99 -4.42 8.16
N GLY A 243 15.46 -4.86 7.02
CA GLY A 243 14.17 -5.57 7.02
C GLY A 243 13.09 -4.66 7.58
N THR A 244 12.47 -5.09 8.68
CA THR A 244 11.51 -4.26 9.43
C THR A 244 12.11 -3.86 10.80
N MET A 245 13.42 -3.60 10.81
CA MET A 245 14.15 -3.17 12.00
C MET A 245 14.86 -1.86 11.72
N ASN A 246 14.97 -1.02 12.75
CA ASN A 246 15.74 0.21 12.65
C ASN A 246 17.21 -0.20 12.77
N ILE A 247 18.13 0.56 12.17
CA ILE A 247 19.55 0.18 12.18
C ILE A 247 20.38 1.04 13.14
N PHE A 248 21.33 0.39 13.82
CA PHE A 248 22.25 1.04 14.75
C PHE A 248 23.67 0.61 14.42
N VAL A 249 24.59 1.56 14.51
CA VAL A 249 26.01 1.27 14.35
C VAL A 249 26.74 1.79 15.58
N TYR A 250 27.58 0.94 16.17
CA TYR A 250 28.39 1.26 17.34
C TYR A 250 29.83 1.22 16.87
N TRP A 251 30.46 2.38 16.88
CA TRP A 251 31.80 2.53 16.31
C TRP A 251 32.53 3.74 16.88
N THR A 252 33.83 3.82 16.61
CA THR A 252 34.59 5.04 16.83
C THR A 252 34.41 5.85 15.55
N HIS A 253 33.84 7.05 15.66
CA HIS A 253 33.55 7.88 14.50
C HIS A 253 34.84 8.49 13.96
N GLU A 254 34.77 9.09 12.78
CA GLU A 254 35.90 9.75 12.11
C GLU A 254 36.60 10.81 12.96
N ASP A 255 35.88 11.40 13.92
CA ASP A 255 36.47 12.37 14.85
C ASP A 255 37.14 11.73 16.08
N GLY A 256 37.22 10.39 16.10
CA GLY A 256 37.88 9.66 17.19
C GLY A 256 37.04 9.39 18.44
N VAL A 257 35.75 9.73 18.38
CA VAL A 257 34.85 9.59 19.52
C VAL A 257 34.01 8.31 19.40
N LEU A 258 33.92 7.56 20.50
CA LEU A 258 33.12 6.33 20.53
C LEU A 258 31.66 6.73 20.43
N GLU A 259 30.91 6.10 19.54
CA GLU A 259 29.57 6.58 19.22
C GLU A 259 28.58 5.49 18.83
N LEU A 260 27.32 5.69 19.25
CA LEU A 260 26.18 4.92 18.78
C LEU A 260 25.36 5.88 17.91
N VAL A 261 25.16 5.50 16.67
CA VAL A 261 24.42 6.32 15.70
C VAL A 261 23.29 5.50 15.10
N THR A 262 22.19 6.18 14.82
CA THR A 262 21.07 5.59 14.09
C THR A 262 20.54 6.70 13.18
N PRO A 263 20.00 6.36 12.01
CA PRO A 263 19.52 7.42 11.12
C PRO A 263 18.40 8.27 11.71
N PRO A 264 18.35 9.56 11.33
CA PRO A 264 17.36 10.48 11.82
C PRO A 264 16.00 10.31 11.16
N LEU A 265 15.00 10.84 11.83
CA LEU A 265 13.62 10.71 11.36
C LEU A 265 13.35 11.82 10.37
N ASN A 266 13.83 11.65 9.16
CA ASN A 266 13.64 12.65 8.12
C ASN A 266 12.68 12.21 7.03
N GLY A 267 11.89 11.17 7.30
CA GLY A 267 10.85 10.74 6.36
C GLY A 267 10.93 9.31 5.88
N VAL A 268 12.14 8.74 5.80
CA VAL A 268 12.28 7.39 5.26
C VAL A 268 12.48 6.34 6.35
N ILE A 269 12.43 6.78 7.60
CA ILE A 269 12.63 5.90 8.73
C ILE A 269 11.32 5.75 9.52
N LEU A 270 10.95 4.52 9.82
CA LEU A 270 9.79 4.27 10.67
C LEU A 270 10.28 4.49 12.10
N PRO A 271 9.65 5.40 12.86
CA PRO A 271 10.13 5.68 14.22
C PRO A 271 9.82 4.56 15.22
N GLY A 272 10.73 3.60 15.31
CA GLY A 272 10.54 2.45 16.17
C GLY A 272 10.45 2.79 17.64
N VAL A 273 9.59 2.09 18.37
CA VAL A 273 9.51 2.27 19.81
C VAL A 273 10.78 1.70 20.48
N VAL A 274 11.29 0.58 19.97
CA VAL A 274 12.52 0.02 20.52
C VAL A 274 13.69 0.96 20.20
N ARG A 275 13.75 1.41 18.95
CA ARG A 275 14.72 2.42 18.52
C ARG A 275 14.79 3.60 19.48
N GLN A 276 13.66 4.22 19.76
CA GLN A 276 13.61 5.35 20.71
C GLN A 276 14.11 4.93 22.10
N SER A 277 13.73 3.72 22.53
CA SER A 277 14.17 3.17 23.81
C SER A 277 15.70 2.96 23.89
N LEU A 278 16.32 2.49 22.81
CA LEU A 278 17.77 2.27 22.82
C LEU A 278 18.50 3.62 22.91
N LEU A 279 18.00 4.62 22.16
CA LEU A 279 18.54 5.98 22.25
C LEU A 279 18.39 6.54 23.68
N ASP A 280 17.19 6.43 24.23
CA ASP A 280 16.90 6.90 25.59
C ASP A 280 17.84 6.27 26.63
N MET A 281 17.96 4.95 26.55
CA MET A 281 18.76 4.14 27.48
C MET A 281 20.24 4.50 27.40
N ALA A 282 20.76 4.50 26.18
CA ALA A 282 22.19 4.80 25.97
C ALA A 282 22.51 6.25 26.34
N GLN A 283 21.58 7.17 26.08
CA GLN A 283 21.78 8.56 26.44
C GLN A 283 21.85 8.70 27.95
N THR A 284 20.96 7.99 28.64
CA THR A 284 20.91 8.03 30.10
C THR A 284 22.19 7.52 30.74
N TRP A 285 22.78 6.46 30.18
CA TRP A 285 24.04 5.93 30.70
C TRP A 285 25.14 7.00 30.68
N GLY A 286 25.16 7.80 29.61
CA GLY A 286 26.15 8.86 29.45
C GLY A 286 27.58 8.36 29.35
N GLU A 287 27.77 7.18 28.77
CA GLU A 287 29.10 6.58 28.67
C GLU A 287 29.78 6.78 27.32
N PHE A 288 28.99 7.12 26.29
CA PHE A 288 29.53 7.37 24.95
C PHE A 288 28.54 8.27 24.22
N ARG A 289 28.93 8.79 23.07
CA ARG A 289 28.07 9.69 22.33
C ARG A 289 26.94 8.91 21.68
N VAL A 290 25.75 9.49 21.71
CA VAL A 290 24.55 8.87 21.14
C VAL A 290 23.88 9.90 20.24
N VAL A 291 23.84 9.60 18.95
CA VAL A 291 23.32 10.54 17.95
C VAL A 291 22.38 9.94 16.93
N GLU A 292 21.57 10.80 16.37
CA GLU A 292 20.76 10.50 15.19
C GLU A 292 21.44 11.24 14.04
N ARG A 293 21.99 10.48 13.09
CA ARG A 293 22.68 11.07 11.95
C ARG A 293 22.64 10.07 10.81
N THR A 294 22.65 10.55 9.57
CA THR A 294 22.68 9.64 8.43
C THR A 294 23.99 8.86 8.41
N ILE A 295 23.89 7.62 7.94
CA ILE A 295 25.05 6.73 7.81
C ILE A 295 25.12 6.33 6.35
N THR A 296 26.29 6.47 5.71
CA THR A 296 26.44 6.08 4.32
C THR A 296 27.28 4.81 4.19
N MET A 297 27.12 4.12 3.07
CA MET A 297 27.93 2.94 2.81
C MET A 297 29.41 3.30 2.71
N LYS A 298 29.72 4.47 2.16
CA LYS A 298 31.10 4.98 2.09
C LYS A 298 31.71 5.08 3.50
N GLN A 299 30.94 5.64 4.43
CA GLN A 299 31.40 5.77 5.81
C GLN A 299 31.61 4.40 6.47
N LEU A 300 30.70 3.46 6.19
CA LEU A 300 30.79 2.12 6.79
C LEU A 300 32.02 1.38 6.23
N LEU A 301 32.17 1.43 4.92
CA LEU A 301 33.31 0.78 4.26
C LEU A 301 34.61 1.29 4.85
N ARG A 302 34.74 2.62 5.00
CA ARG A 302 35.94 3.23 5.58
C ARG A 302 36.16 2.82 7.03
N ALA A 303 35.10 2.87 7.82
CA ALA A 303 35.19 2.48 9.23
C ALA A 303 35.58 1.00 9.37
N LEU A 304 35.08 0.16 8.48
CA LEU A 304 35.39 -1.28 8.52
C LEU A 304 36.86 -1.51 8.17
N GLU A 305 37.33 -0.80 7.14
CA GLU A 305 38.72 -0.92 6.69
C GLU A 305 39.70 -0.44 7.77
N GLU A 306 39.32 0.58 8.52
CA GLU A 306 40.13 1.12 9.60
C GLU A 306 39.91 0.43 10.96
N GLY A 307 39.11 -0.64 10.98
CA GLY A 307 38.81 -1.38 12.22
C GLY A 307 38.09 -0.59 13.30
N ARG A 308 37.28 0.40 12.90
CA ARG A 308 36.59 1.28 13.83
C ARG A 308 35.18 0.80 14.21
N VAL A 309 34.64 -0.15 13.48
CA VAL A 309 33.29 -0.68 13.77
C VAL A 309 33.34 -1.76 14.85
N ARG A 310 32.49 -1.63 15.86
CA ARG A 310 32.37 -2.65 16.89
C ARG A 310 31.14 -3.53 16.65
N GLU A 311 29.97 -2.91 16.55
CA GLU A 311 28.71 -3.67 16.41
C GLU A 311 27.73 -2.96 15.49
N VAL A 312 26.99 -3.75 14.71
CA VAL A 312 25.90 -3.25 13.88
C VAL A 312 24.74 -4.15 14.24
N PHE A 313 23.55 -3.55 14.39
CA PHE A 313 22.39 -4.32 14.78
C PHE A 313 21.09 -3.64 14.39
N GLY A 314 20.04 -4.44 14.33
CA GLY A 314 18.70 -3.93 14.10
C GLY A 314 17.94 -3.93 15.41
N SER A 315 16.93 -3.06 15.47
CA SER A 315 16.07 -2.97 16.65
C SER A 315 14.62 -3.09 16.19
N GLY A 316 13.77 -3.64 17.07
CA GLY A 316 12.34 -3.71 16.78
C GLY A 316 11.65 -4.61 17.78
N THR A 317 10.33 -4.55 17.78
CA THR A 317 9.51 -5.38 18.68
C THR A 317 9.77 -6.88 18.49
N ALA A 318 10.00 -7.30 17.25
CA ALA A 318 10.19 -8.72 16.92
C ALA A 318 11.29 -9.41 17.69
N CYS A 319 12.49 -8.83 17.74
CA CYS A 319 13.60 -9.48 18.46
C CYS A 319 14.31 -8.61 19.48
N GLN A 320 13.83 -7.37 19.60
CA GLN A 320 14.40 -6.32 20.44
C GLN A 320 15.68 -5.81 19.79
N VAL A 321 16.72 -6.64 19.77
CA VAL A 321 18.03 -6.29 19.21
C VAL A 321 18.58 -7.50 18.45
N CYS A 322 19.01 -7.28 17.20
CA CYS A 322 19.49 -8.33 16.33
C CYS A 322 20.85 -8.01 15.69
N PRO A 323 21.88 -8.82 16.02
CA PRO A 323 23.19 -8.58 15.41
C PRO A 323 23.29 -8.82 13.90
N VAL A 324 24.18 -8.08 13.25
CA VAL A 324 24.46 -8.23 11.85
C VAL A 324 25.93 -8.62 11.74
N HIS A 325 26.22 -9.67 10.98
CA HIS A 325 27.60 -10.15 10.79
C HIS A 325 28.10 -10.02 9.36
N ARG A 326 27.23 -9.70 8.42
CA ARG A 326 27.66 -9.64 7.03
C ARG A 326 26.72 -8.81 6.18
N ILE A 327 27.31 -8.03 5.27
CA ILE A 327 26.58 -7.27 4.27
C ILE A 327 27.15 -7.57 2.89
N LEU A 328 26.26 -7.94 1.97
CA LEU A 328 26.64 -8.15 0.58
C LEU A 328 26.27 -6.88 -0.17
N TYR A 329 27.30 -6.16 -0.64
CA TYR A 329 27.13 -4.85 -1.29
C TYR A 329 28.02 -4.76 -2.52
N LYS A 330 27.44 -4.42 -3.67
CA LYS A 330 28.16 -4.33 -4.96
C LYS A 330 29.01 -5.58 -5.24
N ASP A 331 28.39 -6.75 -5.07
CA ASP A 331 29.04 -8.06 -5.25
C ASP A 331 30.26 -8.27 -4.36
N ARG A 332 30.27 -7.66 -3.18
CA ARG A 332 31.35 -7.84 -2.22
C ARG A 332 30.76 -8.14 -0.87
N ASN A 333 31.38 -9.07 -0.15
CA ASN A 333 30.97 -9.33 1.21
C ASN A 333 31.74 -8.45 2.17
N LEU A 334 31.02 -7.81 3.08
CA LEU A 334 31.59 -7.01 4.12
C LEU A 334 31.39 -7.76 5.42
N HIS A 335 32.50 -8.21 6.02
CA HIS A 335 32.36 -8.84 7.32
C HIS A 335 32.20 -7.75 8.38
N ILE A 336 31.11 -7.86 9.15
CA ILE A 336 30.82 -6.92 10.21
C ILE A 336 31.20 -7.65 11.49
N PRO A 337 32.16 -7.10 12.28
CA PRO A 337 32.74 -7.85 13.41
C PRO A 337 31.96 -7.83 14.72
N THR A 338 30.64 -7.63 14.62
CA THR A 338 29.76 -7.57 15.77
C THR A 338 30.00 -8.68 16.80
N MET A 339 30.03 -9.92 16.32
CA MET A 339 30.11 -11.09 17.21
C MET A 339 31.52 -11.27 17.75
N GLU A 340 32.49 -10.67 17.06
CA GLU A 340 33.88 -10.66 17.52
C GLU A 340 34.13 -9.52 18.52
N ASN A 341 33.11 -8.71 18.81
CA ASN A 341 33.19 -7.64 19.81
C ASN A 341 32.21 -7.80 20.98
N GLY A 342 31.93 -9.05 21.32
CA GLY A 342 31.07 -9.38 22.44
C GLY A 342 29.91 -10.26 22.00
N PRO A 343 28.85 -9.64 21.45
CA PRO A 343 28.62 -8.21 21.20
C PRO A 343 28.19 -7.48 22.48
N GLU A 344 29.10 -6.72 23.06
CA GLU A 344 28.86 -6.10 24.37
C GLU A 344 27.65 -5.19 24.47
N LEU A 345 27.50 -4.27 23.52
CA LEU A 345 26.40 -3.32 23.60
C LEU A 345 25.06 -4.06 23.37
N ILE A 346 25.01 -4.93 22.37
CA ILE A 346 23.82 -5.74 22.08
C ILE A 346 23.41 -6.48 23.35
N LEU A 347 24.35 -7.21 23.93
CA LEU A 347 24.09 -7.97 25.16
C LEU A 347 23.59 -7.08 26.29
N ARG A 348 24.16 -5.88 26.45
CA ARG A 348 23.75 -4.95 27.49
C ARG A 348 22.31 -4.46 27.28
N PHE A 349 21.99 -4.07 26.06
CA PHE A 349 20.62 -3.62 25.73
C PHE A 349 19.62 -4.75 25.99
N GLN A 350 19.93 -5.95 25.53
CA GLN A 350 19.04 -7.09 25.73
C GLN A 350 18.79 -7.35 27.22
N LYS A 351 19.86 -7.31 28.01
CA LYS A 351 19.75 -7.51 29.45
C LYS A 351 18.88 -6.45 30.13
N GLU A 352 19.11 -5.18 29.84
CA GLU A 352 18.37 -4.09 30.49
C GLU A 352 16.92 -4.02 29.99
N LEU A 353 16.69 -4.33 28.72
CA LEU A 353 15.31 -4.39 28.20
C LEU A 353 14.53 -5.49 28.91
N LYS A 354 15.12 -6.68 28.95
CA LYS A 354 14.51 -7.83 29.65
C LYS A 354 14.13 -7.53 31.10
N GLU A 355 15.04 -6.86 31.83
CA GLU A 355 14.77 -6.51 33.23
C GLU A 355 13.59 -5.57 33.39
N ILE A 356 13.46 -4.62 32.47
CA ILE A 356 12.34 -3.71 32.47
C ILE A 356 11.07 -4.46 32.05
N GLN A 357 11.18 -5.23 30.96
CA GLN A 357 10.00 -5.85 30.35
C GLN A 357 9.33 -6.93 31.21
N TYR A 358 10.14 -7.75 31.87
CA TYR A 358 9.59 -8.83 32.71
C TYR A 358 9.40 -8.43 34.18
N GLY A 359 9.47 -7.13 34.46
CA GLY A 359 9.18 -6.60 35.79
C GLY A 359 10.21 -6.94 36.86
N ILE A 360 11.43 -7.26 36.45
CA ILE A 360 12.52 -7.54 37.39
C ILE A 360 12.84 -6.25 38.12
N ARG A 361 12.90 -5.15 37.38
CA ARG A 361 12.99 -3.83 38.01
C ARG A 361 11.86 -2.94 37.50
N ALA A 362 11.23 -2.22 38.43
CA ALA A 362 10.10 -1.36 38.10
C ALA A 362 10.56 -0.21 37.22
N HIS A 363 9.72 0.16 36.24
CA HIS A 363 10.06 1.23 35.32
C HIS A 363 8.81 1.88 34.75
N GLU A 364 8.84 3.21 34.60
CA GLU A 364 7.70 3.95 34.06
C GLU A 364 7.40 3.65 32.57
N TRP A 365 8.29 2.93 31.90
CA TRP A 365 8.06 2.49 30.52
C TRP A 365 6.99 1.41 30.44
N MET A 366 6.77 0.67 31.53
CA MET A 366 5.83 -0.45 31.54
C MET A 366 4.42 -0.05 32.01
N PHE A 367 3.44 -0.47 31.23
CA PHE A 367 2.04 -0.15 31.47
C PHE A 367 1.39 -1.43 31.99
N PRO A 368 0.99 -1.43 33.28
CA PRO A 368 0.45 -2.71 33.76
C PRO A 368 -0.97 -3.00 33.24
N VAL A 369 -1.23 -4.27 32.95
CA VAL A 369 -2.57 -4.71 32.54
C VAL A 369 -3.39 -5.08 33.77
N SER B 7 -0.58 -23.22 -12.08
CA SER B 7 -1.67 -23.56 -13.03
C SER B 7 -2.78 -22.49 -12.98
N SER B 8 -3.94 -22.79 -13.56
CA SER B 8 -5.03 -21.82 -13.63
C SER B 8 -6.42 -22.41 -13.50
N PHE B 9 -7.31 -21.60 -12.93
CA PHE B 9 -8.73 -21.90 -12.98
C PHE B 9 -9.11 -21.88 -14.45
N LYS B 10 -10.19 -22.57 -14.78
CA LYS B 10 -10.67 -22.68 -16.15
C LYS B 10 -12.09 -22.15 -16.26
N ALA B 11 -12.32 -21.33 -17.28
CA ALA B 11 -13.65 -20.82 -17.58
C ALA B 11 -14.64 -21.94 -17.82
N ALA B 12 -14.15 -23.05 -18.36
CA ALA B 12 -14.96 -24.24 -18.60
C ALA B 12 -15.58 -24.79 -17.31
N ASP B 13 -14.94 -24.55 -16.17
CA ASP B 13 -15.42 -25.02 -14.88
C ASP B 13 -16.31 -24.02 -14.16
N LEU B 14 -16.63 -22.90 -14.81
CA LEU B 14 -17.42 -21.83 -14.19
C LEU B 14 -18.77 -22.33 -13.68
N GLN B 15 -19.06 -21.99 -12.42
CA GLN B 15 -20.33 -22.31 -11.77
C GLN B 15 -21.14 -21.02 -11.64
N LEU B 16 -22.40 -21.05 -12.05
CA LEU B 16 -23.29 -19.89 -11.94
C LEU B 16 -24.39 -20.09 -10.90
N GLU B 17 -24.53 -19.11 -10.02
CA GLU B 17 -25.66 -19.03 -9.09
C GLU B 17 -26.29 -17.66 -9.26
N MET B 18 -27.51 -17.63 -9.78
CA MET B 18 -28.23 -16.39 -10.00
C MET B 18 -28.83 -15.84 -8.71
N THR B 19 -28.97 -14.53 -8.67
CA THR B 19 -29.49 -13.85 -7.51
C THR B 19 -30.99 -14.12 -7.42
N GLN B 20 -31.48 -14.18 -6.19
CA GLN B 20 -32.91 -14.30 -5.94
C GLN B 20 -33.44 -12.97 -5.42
N LYS B 21 -32.55 -11.99 -5.27
CA LYS B 21 -32.91 -10.67 -4.76
C LYS B 21 -32.30 -9.61 -5.69
N PRO B 22 -32.80 -9.50 -6.92
CA PRO B 22 -32.21 -8.55 -7.87
C PRO B 22 -32.49 -7.12 -7.45
N HIS B 23 -31.46 -6.27 -7.55
CA HIS B 23 -31.61 -4.89 -7.12
C HIS B 23 -32.20 -4.04 -8.22
N LYS B 24 -32.96 -3.04 -7.82
CA LYS B 24 -33.52 -2.09 -8.76
C LYS B 24 -32.37 -1.34 -9.42
N LYS B 25 -32.44 -1.17 -10.74
CA LYS B 25 -31.38 -0.50 -11.49
C LYS B 25 -31.49 1.03 -11.40
N PRO B 26 -30.43 1.75 -11.78
CA PRO B 26 -30.50 3.23 -11.75
C PRO B 26 -31.55 3.80 -12.70
N PRO B 31 -29.12 10.25 -11.68
CA PRO B 31 -27.76 10.58 -11.30
C PRO B 31 -26.95 9.35 -10.95
N LEU B 32 -25.62 9.46 -11.01
CA LEU B 32 -24.72 8.35 -10.71
C LEU B 32 -23.32 8.84 -10.32
N VAL B 33 -23.07 9.00 -9.02
CA VAL B 33 -21.72 9.29 -8.52
C VAL B 33 -20.91 8.04 -8.82
N PHE B 34 -19.68 8.19 -9.31
CA PHE B 34 -18.90 7.03 -9.70
C PHE B 34 -18.62 6.06 -8.55
N GLY B 35 -18.78 4.76 -8.83
CA GLY B 35 -18.24 3.71 -7.95
C GLY B 35 -19.02 3.27 -6.73
N LYS B 36 -20.30 3.64 -6.63
CA LYS B 36 -21.09 3.29 -5.46
C LYS B 36 -22.28 2.36 -5.76
N THR B 37 -22.59 2.17 -7.04
CA THR B 37 -23.70 1.33 -7.46
C THR B 37 -23.16 0.09 -8.12
N PHE B 38 -23.58 -1.07 -7.63
CA PHE B 38 -23.05 -2.33 -8.17
C PHE B 38 -24.15 -3.21 -8.76
N THR B 39 -23.74 -4.06 -9.68
CA THR B 39 -24.63 -4.98 -10.36
C THR B 39 -24.99 -6.19 -9.49
N ASP B 40 -25.81 -7.08 -10.03
CA ASP B 40 -26.36 -8.18 -9.26
C ASP B 40 -25.41 -9.32 -8.96
N HIS B 41 -24.36 -9.48 -9.76
CA HIS B 41 -23.46 -10.62 -9.59
C HIS B 41 -22.00 -10.24 -9.55
N MET B 42 -21.18 -11.18 -9.10
CA MET B 42 -19.75 -10.99 -9.01
C MET B 42 -19.07 -12.30 -9.34
N LEU B 43 -17.81 -12.23 -9.75
CA LEU B 43 -16.96 -13.40 -9.94
C LEU B 43 -16.12 -13.59 -8.69
N MET B 44 -15.90 -14.86 -8.34
N MET B 44 -15.88 -14.86 -8.35
CA MET B 44 -15.03 -15.22 -7.22
CA MET B 44 -15.06 -15.23 -7.20
C MET B 44 -14.28 -16.49 -7.56
C MET B 44 -14.29 -16.52 -7.51
N VAL B 45 -12.98 -16.49 -7.28
CA VAL B 45 -12.14 -17.67 -7.46
C VAL B 45 -11.18 -17.71 -6.27
N GLU B 46 -11.04 -18.87 -5.64
CA GLU B 46 -10.15 -19.00 -4.49
C GLU B 46 -8.90 -19.79 -4.87
N TRP B 47 -7.78 -19.41 -4.28
CA TRP B 47 -6.52 -20.12 -4.45
C TRP B 47 -5.98 -20.55 -3.08
N ASN B 48 -5.49 -21.78 -3.01
CA ASN B 48 -4.85 -22.29 -1.78
C ASN B 48 -3.79 -23.33 -2.13
N ASP B 49 -3.35 -24.15 -1.17
CA ASP B 49 -2.27 -25.10 -1.45
C ASP B 49 -2.62 -26.15 -2.50
N LYS B 50 -3.91 -26.36 -2.75
CA LYS B 50 -4.35 -27.27 -3.80
C LYS B 50 -4.47 -26.56 -5.16
N GLY B 51 -4.08 -25.28 -5.23
CA GLY B 51 -4.16 -24.53 -6.48
C GLY B 51 -5.44 -23.72 -6.54
N TRP B 52 -5.83 -23.32 -7.75
CA TRP B 52 -7.05 -22.56 -7.98
C TRP B 52 -8.27 -23.47 -7.88
N GLY B 53 -9.30 -23.00 -7.19
CA GLY B 53 -10.59 -23.67 -7.16
C GLY B 53 -11.31 -23.35 -8.46
N GLN B 54 -12.56 -23.80 -8.57
CA GLN B 54 -13.38 -23.50 -9.74
C GLN B 54 -13.88 -22.06 -9.61
N PRO B 55 -13.91 -21.33 -10.72
CA PRO B 55 -14.42 -19.97 -10.69
C PRO B 55 -15.92 -20.00 -10.56
N ARG B 56 -16.50 -19.02 -9.87
CA ARG B 56 -17.94 -18.97 -9.75
C ARG B 56 -18.47 -17.56 -9.93
N ILE B 57 -19.61 -17.48 -10.60
CA ILE B 57 -20.40 -16.27 -10.66
C ILE B 57 -21.47 -16.47 -9.58
N GLN B 58 -21.55 -15.54 -8.63
CA GLN B 58 -22.48 -15.65 -7.51
C GLN B 58 -23.17 -14.33 -7.29
N PRO B 59 -24.27 -14.31 -6.53
CA PRO B 59 -24.90 -13.03 -6.26
C PRO B 59 -23.93 -12.09 -5.57
N PHE B 60 -24.03 -10.80 -5.85
CA PHE B 60 -23.19 -9.80 -5.18
C PHE B 60 -23.40 -9.96 -3.69
N GLN B 61 -22.32 -10.09 -2.93
CA GLN B 61 -22.42 -10.34 -1.51
C GLN B 61 -21.12 -9.96 -0.82
N ASN B 62 -21.16 -9.89 0.50
CA ASN B 62 -19.97 -9.53 1.28
C ASN B 62 -18.89 -10.60 1.26
N LEU B 63 -17.66 -10.17 1.50
CA LEU B 63 -16.53 -11.07 1.66
C LEU B 63 -16.43 -11.42 3.15
N THR B 64 -15.99 -12.63 3.43
CA THR B 64 -15.77 -13.08 4.80
C THR B 64 -14.29 -13.31 4.88
N LEU B 65 -13.60 -12.51 5.70
CA LEU B 65 -12.14 -12.58 5.81
C LEU B 65 -11.67 -12.74 7.24
N HIS B 66 -10.67 -13.61 7.40
CA HIS B 66 -10.01 -13.82 8.68
C HIS B 66 -9.37 -12.47 9.07
N PRO B 67 -9.45 -12.07 10.36
CA PRO B 67 -8.91 -10.75 10.77
C PRO B 67 -7.39 -10.56 10.54
N ALA B 68 -6.65 -11.66 10.42
CA ALA B 68 -5.23 -11.62 10.10
C ALA B 68 -4.94 -11.65 8.60
N SER B 69 -5.98 -11.65 7.75
CA SER B 69 -5.81 -11.75 6.31
C SER B 69 -4.77 -10.76 5.82
N SER B 70 -3.74 -11.25 5.12
CA SER B 70 -2.62 -10.38 4.73
C SER B 70 -3.01 -9.24 3.75
N SER B 71 -4.18 -9.34 3.14
CA SER B 71 -4.76 -8.29 2.31
C SER B 71 -4.96 -6.98 3.08
N LEU B 72 -5.23 -7.11 4.38
CA LEU B 72 -5.59 -5.98 5.23
C LEU B 72 -4.43 -5.47 6.09
N HIS B 73 -3.39 -6.29 6.25
CA HIS B 73 -2.26 -5.89 7.09
C HIS B 73 -1.08 -5.41 6.27
N TYR B 74 -0.76 -6.10 5.17
CA TYR B 74 0.43 -5.81 4.38
C TYR B 74 0.10 -5.47 2.93
N SER B 75 -1.14 -5.05 2.70
CA SER B 75 -1.52 -4.56 1.39
C SER B 75 -1.19 -5.52 0.25
N LEU B 76 -1.46 -6.82 0.46
CA LEU B 76 -1.31 -7.78 -0.61
C LEU B 76 -2.61 -7.71 -1.41
N GLN B 77 -2.64 -6.72 -2.29
CA GLN B 77 -3.84 -6.36 -3.02
C GLN B 77 -3.48 -5.59 -4.28
N LEU B 78 -4.20 -5.89 -5.35
CA LEU B 78 -4.01 -5.22 -6.62
C LEU B 78 -5.37 -5.24 -7.29
N PHE B 79 -5.53 -4.35 -8.27
CA PHE B 79 -6.80 -4.23 -8.97
C PHE B 79 -6.59 -3.86 -10.41
N GLU B 80 -7.67 -3.99 -11.19
CA GLU B 80 -7.70 -3.52 -12.54
C GLU B 80 -8.94 -2.67 -12.74
N GLY B 81 -8.98 -2.00 -13.87
CA GLY B 81 -10.12 -1.16 -14.23
C GLY B 81 -10.21 -1.05 -15.73
N MET B 82 -11.36 -1.46 -16.27
CA MET B 82 -11.58 -1.40 -17.70
C MET B 82 -13.06 -1.26 -17.94
N LYS B 83 -13.41 -0.80 -19.14
CA LYS B 83 -14.80 -0.53 -19.45
C LYS B 83 -15.38 -1.38 -20.57
N ALA B 84 -16.66 -1.73 -20.37
CA ALA B 84 -17.48 -2.32 -21.40
C ALA B 84 -18.47 -1.26 -21.85
N PHE B 85 -18.81 -1.28 -23.13
CA PHE B 85 -19.67 -0.25 -23.72
C PHE B 85 -20.78 -0.93 -24.50
N LYS B 86 -21.99 -0.37 -24.43
CA LYS B 86 -23.15 -0.92 -25.13
C LYS B 86 -23.49 0.02 -26.27
N GLY B 87 -23.40 -0.49 -27.49
CA GLY B 87 -23.71 0.29 -28.67
C GLY B 87 -25.20 0.33 -28.97
N LYS B 88 -25.54 1.03 -30.04
CA LYS B 88 -26.94 1.11 -30.51
C LYS B 88 -27.47 -0.28 -30.88
N ASP B 89 -26.61 -1.17 -31.36
CA ASP B 89 -27.03 -2.54 -31.63
C ASP B 89 -27.31 -3.36 -30.34
N GLN B 90 -27.31 -2.69 -29.18
CA GLN B 90 -27.45 -3.33 -27.84
C GLN B 90 -26.34 -4.35 -27.55
N GLN B 91 -25.33 -4.39 -28.41
CA GLN B 91 -24.19 -5.28 -28.25
C GLN B 91 -23.17 -4.66 -27.29
N VAL B 92 -22.63 -5.48 -26.39
CA VAL B 92 -21.66 -5.00 -25.38
C VAL B 92 -20.27 -5.43 -25.80
N ARG B 93 -19.31 -4.52 -25.64
CA ARG B 93 -17.92 -4.77 -26.02
C ARG B 93 -16.94 -4.20 -24.99
N LEU B 94 -15.87 -4.95 -24.72
CA LEU B 94 -14.78 -4.53 -23.83
C LEU B 94 -13.65 -3.90 -24.65
N PHE B 95 -13.06 -2.84 -24.10
CA PHE B 95 -11.98 -2.10 -24.75
C PHE B 95 -10.61 -2.68 -24.38
N ARG B 96 -9.92 -3.29 -25.34
CA ARG B 96 -8.57 -3.83 -25.17
C ARG B 96 -8.32 -4.59 -23.86
N PRO B 97 -9.21 -5.52 -23.49
CA PRO B 97 -9.12 -6.12 -22.16
C PRO B 97 -7.89 -6.97 -21.98
N TRP B 98 -7.30 -7.44 -23.10
CA TRP B 98 -6.10 -8.27 -23.04
C TRP B 98 -4.99 -7.52 -22.34
N LEU B 99 -4.90 -6.21 -22.59
CA LEU B 99 -3.89 -5.37 -21.96
C LEU B 99 -4.07 -5.26 -20.45
N ASN B 100 -5.31 -5.15 -20.00
CA ASN B 100 -5.59 -5.17 -18.58
C ASN B 100 -5.19 -6.51 -17.94
N MET B 101 -5.47 -7.61 -18.62
CA MET B 101 -5.06 -8.92 -18.10
C MET B 101 -3.54 -9.00 -17.97
N ASP B 102 -2.82 -8.51 -18.99
CA ASP B 102 -1.35 -8.48 -18.96
C ASP B 102 -0.86 -7.66 -17.76
N ARG B 103 -1.45 -6.47 -17.58
CA ARG B 103 -1.06 -5.62 -16.47
C ARG B 103 -1.36 -6.25 -15.10
N MET B 104 -2.53 -6.86 -14.97
CA MET B 104 -2.92 -7.56 -13.75
C MET B 104 -1.93 -8.66 -13.36
N LEU B 105 -1.49 -9.42 -14.36
CA LEU B 105 -0.53 -10.48 -14.11
C LEU B 105 0.82 -9.93 -13.65
N ARG B 106 1.24 -8.81 -14.24
CA ARG B 106 2.48 -8.14 -13.80
C ARG B 106 2.34 -7.68 -12.36
N SER B 107 1.20 -7.08 -12.02
CA SER B 107 0.95 -6.68 -10.63
C SER B 107 1.00 -7.88 -9.67
N ALA B 108 0.40 -9.01 -10.07
CA ALA B 108 0.37 -10.20 -9.24
C ALA B 108 1.76 -10.73 -8.93
N MET B 109 2.61 -10.78 -9.95
CA MET B 109 3.98 -11.22 -9.77
C MET B 109 4.75 -10.30 -8.85
N ARG B 110 4.51 -8.99 -8.95
CA ARG B 110 5.23 -8.05 -8.11
C ARG B 110 4.90 -8.21 -6.63
N LEU B 111 3.69 -8.66 -6.32
CA LEU B 111 3.25 -8.88 -4.94
C LEU B 111 3.27 -10.36 -4.50
N CYS B 112 3.93 -11.21 -5.28
CA CYS B 112 4.05 -12.65 -4.99
C CYS B 112 2.69 -13.31 -4.78
N LEU B 113 1.72 -12.92 -5.62
CA LEU B 113 0.39 -13.49 -5.62
C LEU B 113 0.33 -14.48 -6.79
N PRO B 114 -0.61 -15.42 -6.73
CA PRO B 114 -0.62 -16.49 -7.74
C PRO B 114 -0.93 -16.05 -9.15
N SER B 115 -0.20 -16.59 -10.12
CA SER B 115 -0.53 -16.33 -11.51
C SER B 115 -1.76 -17.14 -11.91
N PHE B 116 -2.35 -16.72 -13.02
CA PHE B 116 -3.52 -17.34 -13.61
C PHE B 116 -3.38 -17.17 -15.11
N ASP B 117 -4.24 -17.85 -15.85
CA ASP B 117 -4.25 -17.74 -17.29
C ASP B 117 -5.11 -16.55 -17.71
N LYS B 118 -4.51 -15.63 -18.45
CA LYS B 118 -5.15 -14.37 -18.83
C LYS B 118 -6.43 -14.54 -19.65
N LEU B 119 -6.44 -15.51 -20.57
CA LEU B 119 -7.61 -15.75 -21.39
C LEU B 119 -8.71 -16.47 -20.62
N GLU B 120 -8.35 -17.26 -19.60
CA GLU B 120 -9.36 -17.91 -18.77
C GLU B 120 -10.06 -16.84 -17.93
N LEU B 121 -9.28 -15.95 -17.32
CA LEU B 121 -9.91 -14.82 -16.59
C LEU B 121 -10.79 -13.97 -17.52
N LEU B 122 -10.27 -13.64 -18.70
CA LEU B 122 -11.02 -12.83 -19.66
C LEU B 122 -12.38 -13.47 -19.97
N GLU B 123 -12.40 -14.79 -20.20
CA GLU B 123 -13.66 -15.48 -20.50
C GLU B 123 -14.61 -15.48 -19.29
N CYS B 124 -14.08 -15.63 -18.08
CA CYS B 124 -14.93 -15.59 -16.88
C CYS B 124 -15.55 -14.18 -16.73
N ILE B 125 -14.73 -13.16 -16.99
CA ILE B 125 -15.23 -11.78 -16.96
C ILE B 125 -16.29 -11.57 -18.04
N ARG B 126 -16.06 -12.11 -19.24
CA ARG B 126 -17.05 -12.01 -20.31
C ARG B 126 -18.38 -12.63 -19.84
N ARG B 127 -18.31 -13.81 -19.23
CA ARG B 127 -19.53 -14.48 -18.77
C ARG B 127 -20.24 -13.70 -17.67
N LEU B 128 -19.47 -13.08 -16.79
CA LEU B 128 -20.07 -12.24 -15.73
C LEU B 128 -20.82 -11.05 -16.31
N ILE B 129 -20.20 -10.36 -17.26
CA ILE B 129 -20.81 -9.18 -17.86
C ILE B 129 -22.07 -9.61 -18.62
N GLU B 130 -21.98 -10.76 -19.28
CA GLU B 130 -23.11 -11.34 -20.00
C GLU B 130 -24.29 -11.56 -19.08
N VAL B 131 -24.05 -12.16 -17.92
CA VAL B 131 -25.10 -12.38 -16.93
C VAL B 131 -25.73 -11.04 -16.52
N ASP B 132 -24.90 -10.03 -16.29
CA ASP B 132 -25.37 -8.71 -15.88
C ASP B 132 -25.45 -7.71 -17.05
N LYS B 133 -25.65 -8.20 -18.29
CA LYS B 133 -25.60 -7.30 -19.46
C LYS B 133 -26.65 -6.20 -19.44
N ASP B 134 -27.81 -6.47 -18.81
CA ASP B 134 -28.87 -5.46 -18.72
C ASP B 134 -28.48 -4.29 -17.84
N TRP B 135 -27.44 -4.46 -17.02
CA TRP B 135 -26.87 -3.36 -16.24
C TRP B 135 -26.01 -2.39 -17.05
N VAL B 136 -25.56 -2.78 -18.24
CA VAL B 136 -24.70 -1.91 -19.04
C VAL B 136 -25.59 -0.81 -19.62
N PRO B 137 -25.32 0.46 -19.27
CA PRO B 137 -26.13 1.55 -19.81
C PRO B 137 -25.78 1.82 -21.28
N ASP B 138 -26.66 2.49 -22.00
CA ASP B 138 -26.41 2.80 -23.41
C ASP B 138 -26.59 4.27 -23.77
N ALA B 139 -26.74 5.13 -22.77
CA ALA B 139 -26.84 6.56 -23.02
C ALA B 139 -25.44 7.07 -23.37
N ALA B 140 -25.40 8.23 -24.02
CA ALA B 140 -24.16 8.84 -24.45
C ALA B 140 -23.15 8.95 -23.32
N GLY B 141 -21.94 8.48 -23.58
CA GLY B 141 -20.85 8.60 -22.61
C GLY B 141 -20.87 7.60 -21.46
N THR B 142 -21.90 6.76 -21.39
CA THR B 142 -22.04 5.82 -20.27
C THR B 142 -21.35 4.51 -20.57
N SER B 143 -21.06 3.76 -19.53
CA SER B 143 -20.34 2.50 -19.67
C SER B 143 -20.56 1.66 -18.43
N LEU B 144 -19.97 0.47 -18.45
CA LEU B 144 -19.91 -0.40 -17.29
C LEU B 144 -18.44 -0.51 -16.92
N TYR B 145 -18.11 -0.14 -15.69
CA TYR B 145 -16.73 -0.26 -15.20
C TYR B 145 -16.55 -1.61 -14.54
N VAL B 146 -15.46 -2.29 -14.91
CA VAL B 146 -15.17 -3.65 -14.48
C VAL B 146 -13.98 -3.57 -13.55
N ARG B 147 -14.14 -4.06 -12.32
CA ARG B 147 -13.11 -3.99 -11.30
C ARG B 147 -12.70 -5.37 -10.83
N PRO B 148 -11.70 -5.98 -11.49
CA PRO B 148 -11.08 -7.18 -10.98
C PRO B 148 -10.15 -6.84 -9.83
N VAL B 149 -10.07 -7.75 -8.86
CA VAL B 149 -9.22 -7.58 -7.70
C VAL B 149 -8.56 -8.92 -7.39
N LEU B 150 -7.30 -8.88 -7.01
CA LEU B 150 -6.62 -10.08 -6.51
C LEU B 150 -6.01 -9.70 -5.17
N ILE B 151 -6.37 -10.46 -4.14
CA ILE B 151 -5.82 -10.20 -2.79
C ILE B 151 -5.17 -11.43 -2.16
N GLY B 152 -4.10 -11.20 -1.39
CA GLY B 152 -3.55 -12.22 -0.52
C GLY B 152 -4.54 -12.52 0.59
N ASN B 153 -4.58 -13.76 1.07
CA ASN B 153 -5.56 -14.10 2.07
C ASN B 153 -5.06 -15.13 3.09
N GLU B 154 -3.78 -15.02 3.45
CA GLU B 154 -3.18 -15.87 4.49
C GLU B 154 -3.58 -15.35 5.86
N PRO B 155 -4.09 -16.24 6.74
CA PRO B 155 -4.48 -15.81 8.08
C PRO B 155 -3.28 -15.80 9.01
N SER B 156 -2.29 -14.97 8.67
CA SER B 156 -1.02 -14.91 9.39
C SER B 156 -0.44 -13.51 9.37
N LEU B 157 0.16 -13.11 10.49
CA LEU B 157 0.83 -11.81 10.59
C LEU B 157 2.26 -11.84 10.06
N GLY B 158 2.70 -12.99 9.54
CA GLY B 158 4.00 -13.07 8.89
C GLY B 158 4.03 -12.23 7.63
N VAL B 159 5.10 -11.48 7.43
CA VAL B 159 5.28 -10.69 6.20
C VAL B 159 5.87 -11.66 5.20
N SER B 160 5.01 -12.38 4.49
N SER B 160 4.99 -12.41 4.53
CA SER B 160 5.45 -13.43 3.60
CA SER B 160 5.40 -13.52 3.67
C SER B 160 4.51 -13.65 2.44
C SER B 160 4.50 -13.66 2.45
N GLN B 161 4.98 -14.42 1.46
CA GLN B 161 4.18 -14.76 0.31
C GLN B 161 3.03 -15.61 0.82
N PRO B 162 1.79 -15.26 0.45
CA PRO B 162 0.64 -16.01 0.94
C PRO B 162 0.47 -17.38 0.28
N THR B 163 -0.09 -18.33 1.02
CA THR B 163 -0.44 -19.63 0.47
C THR B 163 -1.93 -19.67 0.12
N ARG B 164 -2.63 -18.57 0.37
CA ARG B 164 -4.05 -18.43 0.03
C ARG B 164 -4.30 -17.08 -0.64
N ALA B 165 -5.27 -17.03 -1.52
CA ALA B 165 -5.61 -15.77 -2.18
C ALA B 165 -7.03 -15.80 -2.70
N LEU B 166 -7.57 -14.62 -3.02
N LEU B 166 -7.55 -14.63 -3.05
CA LEU B 166 -8.90 -14.50 -3.59
CA LEU B 166 -8.90 -14.53 -3.59
C LEU B 166 -8.84 -13.58 -4.80
C LEU B 166 -8.89 -13.57 -4.79
N LEU B 167 -9.48 -14.00 -5.90
CA LEU B 167 -9.61 -13.16 -7.08
C LEU B 167 -11.10 -12.94 -7.26
N PHE B 168 -11.53 -11.69 -7.27
CA PHE B 168 -12.93 -11.38 -7.47
C PHE B 168 -13.11 -10.22 -8.46
N VAL B 169 -14.31 -10.15 -9.04
CA VAL B 169 -14.60 -9.11 -10.01
C VAL B 169 -15.99 -8.57 -9.72
N ILE B 170 -16.08 -7.24 -9.62
CA ILE B 170 -17.34 -6.54 -9.42
C ILE B 170 -17.53 -5.52 -10.54
N LEU B 171 -18.79 -5.13 -10.76
CA LEU B 171 -19.16 -4.27 -11.88
C LEU B 171 -19.99 -3.08 -11.45
N CYS B 172 -19.77 -1.93 -12.09
N CYS B 172 -19.70 -1.92 -12.04
CA CYS B 172 -20.41 -0.69 -11.68
CA CYS B 172 -20.39 -0.67 -11.75
C CYS B 172 -20.83 0.12 -12.92
C CYS B 172 -20.87 -0.02 -13.05
N PRO B 173 -22.15 0.35 -13.11
CA PRO B 173 -22.59 1.18 -14.25
C PRO B 173 -22.12 2.60 -13.96
N VAL B 174 -21.67 3.30 -14.99
N VAL B 174 -21.71 3.31 -15.01
CA VAL B 174 -21.19 4.66 -14.80
CA VAL B 174 -21.10 4.63 -14.90
C VAL B 174 -21.80 5.61 -15.80
C VAL B 174 -21.77 5.63 -15.83
N GLY B 175 -22.02 6.84 -15.34
CA GLY B 175 -22.57 7.90 -16.17
C GLY B 175 -21.49 8.56 -17.01
N ALA B 176 -21.90 9.53 -17.82
CA ALA B 176 -20.98 10.30 -18.66
C ALA B 176 -19.97 11.10 -17.82
N TYR B 177 -18.71 11.07 -18.23
CA TYR B 177 -17.69 11.83 -17.51
C TYR B 177 -17.88 13.33 -17.78
N PHE B 178 -18.31 13.65 -18.99
CA PHE B 178 -18.59 15.03 -19.41
C PHE B 178 -20.10 15.14 -19.71
N PRO B 179 -20.94 15.16 -18.65
CA PRO B 179 -22.39 15.17 -18.85
C PRO B 179 -22.86 16.30 -19.76
N GLY B 180 -23.66 15.97 -20.76
CA GLY B 180 -24.13 16.95 -21.73
C GLY B 180 -23.25 17.02 -22.97
N GLY B 181 -22.07 16.38 -22.91
CA GLY B 181 -21.16 16.30 -24.05
C GLY B 181 -20.00 17.28 -24.12
N SER B 182 -20.08 18.42 -23.44
CA SER B 182 -19.04 19.45 -23.52
C SER B 182 -17.84 19.08 -22.64
N VAL B 183 -16.66 19.06 -23.23
N VAL B 183 -16.65 19.05 -23.23
CA VAL B 183 -15.45 18.72 -22.49
CA VAL B 183 -15.44 18.70 -22.49
C VAL B 183 -15.08 19.89 -21.58
C VAL B 183 -15.04 19.88 -21.59
N THR B 184 -14.72 19.59 -20.34
CA THR B 184 -14.37 20.59 -19.34
C THR B 184 -12.97 20.27 -18.80
N PRO B 185 -12.08 21.27 -18.78
CA PRO B 185 -10.73 21.01 -18.33
C PRO B 185 -10.58 20.96 -16.81
N VAL B 186 -9.42 20.48 -16.37
CA VAL B 186 -9.08 20.43 -14.95
C VAL B 186 -7.87 21.34 -14.67
N SER B 187 -7.87 21.92 -13.47
CA SER B 187 -6.73 22.68 -12.95
C SER B 187 -5.90 21.78 -12.04
N LEU B 188 -4.58 21.96 -12.04
CA LEU B 188 -3.69 21.09 -11.31
C LEU B 188 -2.80 21.82 -10.31
N LEU B 189 -2.58 21.19 -9.15
CA LEU B 189 -1.60 21.68 -8.20
C LEU B 189 -0.29 20.92 -8.46
N ALA B 190 0.80 21.67 -8.68
CA ALA B 190 2.11 21.10 -8.96
C ALA B 190 3.08 21.50 -7.84
N ASP B 191 3.21 20.64 -6.85
CA ASP B 191 4.07 20.87 -5.69
C ASP B 191 5.04 19.69 -5.56
N PRO B 192 6.34 19.96 -5.71
CA PRO B 192 7.32 18.88 -5.63
C PRO B 192 7.43 18.19 -4.27
N ALA B 193 6.79 18.74 -3.24
CA ALA B 193 6.81 18.10 -1.93
C ALA B 193 6.14 16.73 -1.94
N PHE B 194 5.20 16.53 -2.88
CA PHE B 194 4.42 15.29 -2.98
C PHE B 194 5.03 14.34 -3.97
N ILE B 195 5.16 13.07 -3.59
CA ILE B 195 5.79 12.12 -4.51
C ILE B 195 4.93 10.86 -4.59
N ARG B 196 4.46 10.57 -5.80
CA ARG B 196 3.56 9.46 -6.01
C ARG B 196 4.26 8.11 -6.05
N ALA B 197 5.49 8.12 -6.57
CA ALA B 197 6.22 6.93 -6.88
C ALA B 197 7.68 7.27 -7.13
N TRP B 198 8.54 6.27 -6.99
N TRP B 198 8.53 6.26 -7.07
CA TRP B 198 10.01 6.44 -7.09
CA TRP B 198 9.95 6.48 -7.30
C TRP B 198 10.60 5.33 -7.98
C TRP B 198 10.58 5.33 -8.03
N VAL B 199 11.70 5.61 -8.68
CA VAL B 199 12.39 4.60 -9.46
C VAL B 199 12.91 3.61 -8.41
N GLY B 200 12.62 2.33 -8.61
CA GLY B 200 12.90 1.29 -7.62
C GLY B 200 11.72 1.03 -6.70
N GLY B 201 10.59 1.65 -6.99
CA GLY B 201 9.36 1.47 -6.24
C GLY B 201 8.37 0.64 -7.01
N VAL B 202 7.08 0.89 -6.76
CA VAL B 202 6.01 0.10 -7.38
C VAL B 202 4.91 0.92 -8.03
N GLY B 203 5.21 2.17 -8.36
CA GLY B 203 4.25 3.08 -9.02
C GLY B 203 3.82 2.63 -10.41
N ASN B 204 4.59 1.76 -11.05
CA ASN B 204 4.26 1.24 -12.39
C ASN B 204 3.37 0.00 -12.38
N TYR B 205 2.89 -0.37 -11.20
CA TYR B 205 1.92 -1.46 -11.04
C TYR B 205 0.63 -0.89 -10.42
N LYS B 206 -0.51 -1.50 -10.73
CA LYS B 206 -1.79 -1.03 -10.21
C LYS B 206 -2.10 -1.72 -8.88
N LEU B 207 -1.34 -1.32 -7.86
CA LEU B 207 -1.41 -1.88 -6.52
C LEU B 207 -2.12 -0.91 -5.61
N GLY B 208 -2.98 -1.43 -4.73
CA GLY B 208 -3.74 -0.58 -3.82
C GLY B 208 -2.88 0.41 -3.05
N GLY B 209 -1.71 -0.04 -2.60
CA GLY B 209 -0.78 0.81 -1.85
C GLY B 209 -0.39 2.12 -2.49
N ASN B 210 -0.46 2.22 -3.82
CA ASN B 210 -0.14 3.48 -4.51
C ASN B 210 -1.22 4.55 -4.39
N TYR B 211 -2.42 4.17 -3.95
CA TYR B 211 -3.58 5.10 -4.02
C TYR B 211 -3.97 5.70 -2.67
N GLY B 212 -3.98 4.89 -1.62
CA GLY B 212 -4.31 5.38 -0.29
C GLY B 212 -3.59 6.66 0.10
N PRO B 213 -2.25 6.71 -0.11
CA PRO B 213 -1.45 7.88 0.24
C PRO B 213 -1.80 9.15 -0.54
N THR B 214 -2.54 9.04 -1.64
CA THR B 214 -2.87 10.21 -2.47
C THR B 214 -4.10 10.98 -2.00
N VAL B 215 -4.90 10.36 -1.11
CA VAL B 215 -6.14 10.98 -0.67
C VAL B 215 -5.88 12.31 0.04
N LEU B 216 -4.91 12.33 0.94
CA LEU B 216 -4.57 13.56 1.64
C LEU B 216 -4.02 14.63 0.68
N VAL B 217 -3.24 14.20 -0.29
CA VAL B 217 -2.62 15.12 -1.28
C VAL B 217 -3.72 15.77 -2.13
N GLN B 218 -4.67 14.96 -2.58
CA GLN B 218 -5.80 15.46 -3.35
C GLN B 218 -6.61 16.50 -2.56
N GLN B 219 -6.79 16.24 -1.26
CA GLN B 219 -7.48 17.20 -0.39
C GLN B 219 -6.74 18.54 -0.34
N GLU B 220 -5.41 18.48 -0.33
CA GLU B 220 -4.58 19.71 -0.31
C GLU B 220 -4.71 20.48 -1.64
N ALA B 221 -4.78 19.75 -2.76
CA ALA B 221 -5.04 20.36 -4.06
C ALA B 221 -6.36 21.13 -4.08
N LEU B 222 -7.41 20.51 -3.54
CA LEU B 222 -8.72 21.13 -3.50
C LEU B 222 -8.69 22.35 -2.57
N LYS B 223 -7.92 22.27 -1.49
CA LYS B 223 -7.81 23.42 -0.60
C LYS B 223 -7.18 24.60 -1.36
N ARG B 224 -6.21 24.30 -2.22
CA ARG B 224 -5.54 25.32 -3.04
C ARG B 224 -6.31 25.62 -4.33
N GLY B 225 -7.57 25.20 -4.36
CA GLY B 225 -8.50 25.50 -5.44
C GLY B 225 -8.25 24.77 -6.75
N CYS B 226 -7.58 23.61 -6.70
CA CYS B 226 -7.27 22.82 -7.90
C CYS B 226 -8.02 21.49 -7.84
N GLU B 227 -8.41 20.96 -9.00
CA GLU B 227 -9.18 19.72 -9.08
C GLU B 227 -8.32 18.48 -8.88
N GLN B 228 -7.11 18.50 -9.43
CA GLN B 228 -6.21 17.33 -9.39
C GLN B 228 -4.74 17.67 -9.13
N VAL B 229 -3.94 16.64 -8.91
CA VAL B 229 -2.53 16.75 -8.58
C VAL B 229 -1.64 16.50 -9.79
N LEU B 230 -0.75 17.42 -10.10
CA LEU B 230 0.29 17.14 -11.09
C LEU B 230 1.46 16.54 -10.32
N TRP B 231 1.72 15.25 -10.51
CA TRP B 231 2.78 14.55 -9.80
C TRP B 231 4.15 14.79 -10.42
N LEU B 232 5.00 15.52 -9.68
CA LEU B 232 6.36 15.83 -10.13
C LEU B 232 7.35 14.87 -9.52
N TYR B 233 8.42 14.61 -10.26
CA TYR B 233 9.46 13.71 -9.83
C TYR B 233 10.85 14.24 -10.16
N GLY B 234 11.78 14.02 -9.23
CA GLY B 234 13.20 14.36 -9.42
C GLY B 234 13.50 15.82 -9.18
N PRO B 235 14.80 16.16 -9.09
CA PRO B 235 15.18 17.55 -8.85
C PRO B 235 14.87 18.47 -10.05
N ASP B 236 14.67 17.87 -11.22
CA ASP B 236 14.31 18.60 -12.42
C ASP B 236 12.79 18.70 -12.65
N HIS B 237 12.01 18.23 -11.68
CA HIS B 237 10.56 18.40 -11.72
C HIS B 237 9.95 17.84 -13.00
N GLN B 238 10.18 16.56 -13.21
CA GLN B 238 9.62 15.83 -14.34
C GLN B 238 8.12 15.67 -14.12
N LEU B 239 7.32 15.92 -15.15
CA LEU B 239 5.86 15.73 -15.04
C LEU B 239 5.62 14.25 -15.28
N THR B 240 4.95 13.58 -14.34
CA THR B 240 4.80 12.13 -14.46
C THR B 240 3.36 11.75 -14.77
N GLU B 241 2.44 12.10 -13.88
CA GLU B 241 1.03 11.80 -14.05
C GLU B 241 0.18 12.95 -13.56
N VAL B 242 -1.09 12.96 -13.99
CA VAL B 242 -2.08 13.91 -13.54
C VAL B 242 -3.15 13.11 -12.79
N GLY B 243 -3.15 13.21 -11.46
CA GLY B 243 -4.06 12.41 -10.60
C GLY B 243 -3.79 10.93 -10.85
N THR B 244 -4.79 10.24 -11.42
CA THR B 244 -4.65 8.87 -11.88
C THR B 244 -4.80 8.79 -13.43
N MET B 245 -4.28 9.80 -14.10
CA MET B 245 -4.23 9.87 -15.56
C MET B 245 -2.78 9.99 -16.03
N ASN B 246 -2.49 9.38 -17.18
CA ASN B 246 -1.19 9.58 -17.84
C ASN B 246 -1.22 10.95 -18.50
N ILE B 247 -0.06 11.61 -18.60
CA ILE B 247 0.00 12.97 -19.14
C ILE B 247 0.56 13.03 -20.57
N PHE B 248 -0.09 13.84 -21.40
CA PHE B 248 0.32 14.12 -22.77
C PHE B 248 0.46 15.63 -22.99
N VAL B 249 1.41 15.99 -23.84
CA VAL B 249 1.59 17.37 -24.25
C VAL B 249 1.70 17.36 -25.77
N TYR B 250 0.90 18.22 -26.39
CA TYR B 250 0.91 18.42 -27.84
C TYR B 250 1.49 19.81 -28.05
N TRP B 251 2.66 19.87 -28.67
CA TRP B 251 3.40 21.12 -28.78
C TRP B 251 4.37 21.08 -29.95
N THR B 252 4.90 22.25 -30.30
CA THR B 252 6.03 22.31 -31.22
C THR B 252 7.26 22.23 -30.33
N HIS B 253 8.09 21.23 -30.55
CA HIS B 253 9.27 21.00 -29.72
C HIS B 253 10.38 22.02 -30.06
N GLU B 254 11.39 22.10 -29.22
CA GLU B 254 12.52 23.03 -29.40
C GLU B 254 13.23 22.84 -30.75
N ASP B 255 13.19 21.62 -31.30
CA ASP B 255 13.80 21.36 -32.60
C ASP B 255 12.90 21.78 -33.77
N GLY B 256 11.81 22.49 -33.48
CA GLY B 256 10.89 22.97 -34.51
C GLY B 256 9.81 22.00 -34.98
N VAL B 257 9.83 20.77 -34.48
CA VAL B 257 8.91 19.72 -34.95
C VAL B 257 7.67 19.61 -34.06
N LEU B 258 6.49 19.65 -34.69
CA LEU B 258 5.22 19.44 -33.99
C LEU B 258 5.17 17.99 -33.52
N GLU B 259 4.87 17.79 -32.24
CA GLU B 259 4.85 16.45 -31.69
C GLU B 259 3.86 16.26 -30.53
N LEU B 260 3.54 14.98 -30.32
CA LEU B 260 2.80 14.54 -29.16
C LEU B 260 3.80 13.75 -28.32
N VAL B 261 3.96 14.17 -27.08
CA VAL B 261 4.90 13.53 -26.17
C VAL B 261 4.22 13.11 -24.87
N THR B 262 4.67 11.99 -24.33
CA THR B 262 4.20 11.50 -23.04
C THR B 262 5.43 10.91 -22.35
N PRO B 263 5.48 10.96 -21.01
CA PRO B 263 6.68 10.41 -20.32
C PRO B 263 6.93 8.92 -20.58
N PRO B 264 8.21 8.50 -20.61
CA PRO B 264 8.53 7.12 -20.87
C PRO B 264 8.27 6.23 -19.67
N LEU B 265 8.13 4.93 -19.91
CA LEU B 265 7.86 3.96 -18.86
C LEU B 265 9.17 3.59 -18.18
N ASN B 266 9.66 4.52 -17.36
CA ASN B 266 10.93 4.40 -16.64
C ASN B 266 10.79 3.93 -15.19
N GLY B 267 9.60 3.51 -14.78
CA GLY B 267 9.36 3.03 -13.42
C GLY B 267 8.35 3.81 -12.57
N VAL B 268 8.16 5.09 -12.87
CA VAL B 268 7.24 5.92 -12.07
C VAL B 268 5.93 6.20 -12.81
N ILE B 269 5.77 5.60 -13.98
CA ILE B 269 4.59 5.80 -14.80
C ILE B 269 3.77 4.51 -14.84
N LEU B 270 2.49 4.61 -14.50
CA LEU B 270 1.60 3.47 -14.66
C LEU B 270 1.28 3.36 -16.16
N PRO B 271 1.61 2.20 -16.79
CA PRO B 271 1.39 2.09 -18.24
C PRO B 271 -0.09 1.91 -18.58
N GLY B 272 -0.75 3.04 -18.83
CA GLY B 272 -2.16 3.03 -19.14
C GLY B 272 -2.52 2.41 -20.45
N VAL B 273 -3.68 1.77 -20.48
CA VAL B 273 -4.24 1.19 -21.69
C VAL B 273 -4.65 2.33 -22.64
N VAL B 274 -5.26 3.39 -22.09
CA VAL B 274 -5.65 4.49 -22.97
C VAL B 274 -4.39 5.19 -23.48
N ARG B 275 -3.41 5.38 -22.59
CA ARG B 275 -2.12 5.94 -22.98
C ARG B 275 -1.54 5.22 -24.21
N GLN B 276 -1.43 3.91 -24.11
CA GLN B 276 -0.87 3.14 -25.20
C GLN B 276 -1.71 3.28 -26.48
N SER B 277 -3.02 3.33 -26.30
CA SER B 277 -3.97 3.47 -27.41
C SER B 277 -3.82 4.83 -28.11
N LEU B 278 -3.57 5.90 -27.36
CA LEU B 278 -3.37 7.22 -27.96
C LEU B 278 -2.06 7.24 -28.77
N LEU B 279 -1.02 6.63 -28.24
CA LEU B 279 0.25 6.53 -28.96
C LEU B 279 0.05 5.75 -30.25
N ASP B 280 -0.65 4.61 -30.15
CA ASP B 280 -0.89 3.75 -31.31
C ASP B 280 -1.69 4.50 -32.37
N MET B 281 -2.73 5.19 -31.92
CA MET B 281 -3.60 5.92 -32.83
C MET B 281 -2.87 7.06 -33.54
N ALA B 282 -2.09 7.84 -32.79
CA ALA B 282 -1.37 8.97 -33.37
C ALA B 282 -0.29 8.47 -34.32
N GLN B 283 0.38 7.38 -33.97
CA GLN B 283 1.38 6.81 -34.86
C GLN B 283 0.75 6.36 -36.17
N THR B 284 -0.44 5.77 -36.08
CA THR B 284 -1.16 5.30 -37.25
C THR B 284 -1.53 6.47 -38.18
N TRP B 285 -1.95 7.59 -37.60
CA TRP B 285 -2.27 8.76 -38.42
C TRP B 285 -1.04 9.22 -39.20
N GLY B 286 0.14 9.17 -38.58
CA GLY B 286 1.37 9.57 -39.26
C GLY B 286 1.45 11.05 -39.61
N GLU B 287 0.71 11.89 -38.87
CA GLU B 287 0.63 13.33 -39.17
C GLU B 287 1.61 14.20 -38.40
N PHE B 288 2.10 13.70 -37.28
CA PHE B 288 3.07 14.43 -36.48
C PHE B 288 3.89 13.42 -35.69
N ARG B 289 4.97 13.91 -35.08
CA ARG B 289 5.88 13.05 -34.37
C ARG B 289 5.23 12.60 -33.07
N VAL B 290 5.41 11.33 -32.74
CA VAL B 290 4.87 10.75 -31.52
C VAL B 290 6.04 10.17 -30.80
N VAL B 291 6.24 10.60 -29.55
CA VAL B 291 7.43 10.24 -28.81
C VAL B 291 7.19 10.05 -27.32
N GLU B 292 7.97 9.15 -26.73
CA GLU B 292 7.98 8.96 -25.29
C GLU B 292 9.27 9.58 -24.80
N ARG B 293 9.12 10.67 -24.05
CA ARG B 293 10.27 11.42 -23.58
C ARG B 293 9.92 12.14 -22.30
N THR B 294 10.91 12.26 -21.43
CA THR B 294 10.75 12.98 -20.20
C THR B 294 10.38 14.43 -20.46
N ILE B 295 9.44 14.93 -19.67
CA ILE B 295 8.97 16.30 -19.77
C ILE B 295 9.21 16.99 -18.42
N THR B 296 9.90 18.13 -18.42
CA THR B 296 10.14 18.85 -17.17
C THR B 296 9.33 20.11 -17.10
N MET B 297 9.15 20.64 -15.89
CA MET B 297 8.46 21.91 -15.70
C MET B 297 9.18 23.06 -16.41
N LYS B 298 10.50 23.04 -16.40
CA LYS B 298 11.25 24.09 -17.11
C LYS B 298 10.99 24.04 -18.60
N GLN B 299 10.94 22.84 -19.19
CA GLN B 299 10.58 22.71 -20.61
C GLN B 299 9.20 23.24 -20.85
N LEU B 300 8.28 22.93 -19.95
CA LEU B 300 6.91 23.36 -20.13
C LEU B 300 6.83 24.89 -20.02
N LEU B 301 7.50 25.47 -19.02
CA LEU B 301 7.48 26.92 -18.85
C LEU B 301 8.01 27.64 -20.09
N ARG B 302 9.12 27.16 -20.65
CA ARG B 302 9.74 27.76 -21.84
C ARG B 302 8.80 27.68 -23.06
N ALA B 303 8.22 26.50 -23.26
CA ALA B 303 7.30 26.27 -24.35
C ALA B 303 6.08 27.17 -24.25
N LEU B 304 5.53 27.32 -23.03
CA LEU B 304 4.41 28.23 -22.82
C LEU B 304 4.81 29.69 -23.10
N GLU B 305 5.97 30.11 -22.60
CA GLU B 305 6.46 31.48 -22.85
C GLU B 305 6.61 31.75 -24.35
N GLU B 306 7.09 30.73 -25.06
CA GLU B 306 7.32 30.82 -26.50
C GLU B 306 6.10 30.47 -27.35
N GLY B 307 4.94 30.23 -26.71
CA GLY B 307 3.69 29.92 -27.42
C GLY B 307 3.69 28.63 -28.19
N ARG B 308 4.50 27.66 -27.76
CA ARG B 308 4.66 26.41 -28.50
C ARG B 308 3.71 25.30 -28.05
N VAL B 309 3.08 25.47 -26.91
CA VAL B 309 2.13 24.46 -26.38
C VAL B 309 0.76 24.63 -27.03
N ARG B 310 0.21 23.55 -27.57
CA ARG B 310 -1.14 23.56 -28.09
C ARG B 310 -2.13 23.01 -27.07
N GLU B 311 -1.89 21.80 -26.60
CA GLU B 311 -2.81 21.13 -25.67
C GLU B 311 -2.04 20.30 -24.66
N VAL B 312 -2.57 20.23 -23.45
CA VAL B 312 -2.06 19.31 -22.42
C VAL B 312 -3.28 18.55 -21.88
N PHE B 313 -3.13 17.25 -21.72
CA PHE B 313 -4.27 16.45 -21.27
C PHE B 313 -3.84 15.21 -20.55
N GLY B 314 -4.76 14.66 -19.77
CA GLY B 314 -4.57 13.35 -19.19
C GLY B 314 -5.35 12.28 -19.93
N SER B 315 -4.90 11.03 -19.82
CA SER B 315 -5.57 9.88 -20.40
C SER B 315 -5.85 8.84 -19.31
N GLY B 316 -6.92 8.10 -19.50
CA GLY B 316 -7.35 7.12 -18.52
C GLY B 316 -8.74 6.57 -18.81
N THR B 317 -9.03 5.39 -18.29
CA THR B 317 -10.32 4.74 -18.45
C THR B 317 -11.48 5.60 -17.95
N ALA B 318 -11.23 6.38 -16.89
CA ALA B 318 -12.27 7.24 -16.29
C ALA B 318 -12.91 8.20 -17.28
N CYS B 319 -12.10 8.90 -18.08
CA CYS B 319 -12.58 9.95 -18.97
C CYS B 319 -12.21 9.78 -20.45
N GLN B 320 -11.38 8.78 -20.74
CA GLN B 320 -10.67 8.62 -22.00
C GLN B 320 -9.60 9.70 -22.08
N VAL B 321 -10.01 10.95 -22.33
N VAL B 321 -10.02 10.96 -22.29
CA VAL B 321 -9.07 12.06 -22.35
CA VAL B 321 -9.10 12.07 -22.43
C VAL B 321 -9.67 13.24 -21.61
C VAL B 321 -9.67 13.28 -21.69
N CYS B 322 -8.83 13.98 -20.92
CA CYS B 322 -9.28 15.14 -20.16
C CYS B 322 -8.31 16.31 -20.30
N PRO B 323 -8.81 17.44 -20.83
CA PRO B 323 -7.91 18.59 -20.99
C PRO B 323 -7.47 19.25 -19.68
N VAL B 324 -6.31 19.89 -19.74
CA VAL B 324 -5.77 20.65 -18.63
C VAL B 324 -5.64 22.09 -19.09
N HIS B 325 -6.15 23.04 -18.31
CA HIS B 325 -6.07 24.47 -18.65
C HIS B 325 -5.27 25.34 -17.68
N ARG B 326 -4.94 24.81 -16.50
CA ARG B 326 -4.27 25.61 -15.47
C ARG B 326 -3.43 24.73 -14.58
N ILE B 327 -2.22 25.20 -14.27
CA ILE B 327 -1.32 24.53 -13.36
C ILE B 327 -0.79 25.55 -12.36
N LEU B 328 -1.00 25.28 -11.08
CA LEU B 328 -0.52 26.11 -9.99
C LEU B 328 0.86 25.60 -9.56
N TYR B 329 1.90 26.37 -9.84
CA TYR B 329 3.29 25.94 -9.61
C TYR B 329 4.07 27.08 -8.99
N LYS B 330 4.76 26.80 -7.89
CA LYS B 330 5.49 27.83 -7.14
C LYS B 330 4.58 29.03 -6.88
N ASP B 331 3.34 28.75 -6.45
CA ASP B 331 2.35 29.77 -6.11
C ASP B 331 1.92 30.69 -7.27
N ARG B 332 2.25 30.29 -8.50
CA ARG B 332 1.91 31.05 -9.70
C ARG B 332 1.00 30.20 -10.57
N ASN B 333 -0.03 30.81 -11.13
CA ASN B 333 -0.92 30.12 -12.06
C ASN B 333 -0.42 30.18 -13.48
N LEU B 334 -0.17 29.00 -14.06
CA LEU B 334 0.22 28.88 -15.45
C LEU B 334 -1.02 28.61 -16.29
N HIS B 335 -1.30 29.47 -17.27
CA HIS B 335 -2.43 29.24 -18.17
C HIS B 335 -1.96 28.32 -19.29
N ILE B 336 -2.72 27.25 -19.52
CA ILE B 336 -2.42 26.31 -20.58
C ILE B 336 -3.49 26.51 -21.64
N PRO B 337 -3.09 26.85 -22.89
CA PRO B 337 -4.08 27.25 -23.90
C PRO B 337 -4.84 26.10 -24.58
N THR B 338 -4.94 24.96 -23.91
CA THR B 338 -5.61 23.79 -24.43
C THR B 338 -6.98 24.07 -25.08
N MET B 339 -7.86 24.72 -24.33
CA MET B 339 -9.24 24.92 -24.77
C MET B 339 -9.33 25.93 -25.90
N GLU B 340 -8.44 26.92 -25.90
CA GLU B 340 -8.41 27.94 -26.97
C GLU B 340 -7.97 27.30 -28.28
N ASN B 341 -7.24 26.18 -28.20
CA ASN B 341 -6.84 25.42 -29.38
C ASN B 341 -7.82 24.31 -29.82
N GLY B 342 -9.06 24.40 -29.36
CA GLY B 342 -10.13 23.52 -29.82
C GLY B 342 -10.90 22.89 -28.69
N PRO B 343 -10.28 21.94 -27.99
CA PRO B 343 -8.93 21.39 -28.16
C PRO B 343 -8.98 20.35 -29.26
N GLU B 344 -8.39 20.67 -30.41
CA GLU B 344 -8.56 19.87 -31.62
C GLU B 344 -8.12 18.43 -31.48
N LEU B 345 -6.93 18.21 -30.93
CA LEU B 345 -6.41 16.86 -30.80
C LEU B 345 -7.20 16.04 -29.80
N ILE B 346 -7.51 16.64 -28.65
CA ILE B 346 -8.33 15.98 -27.62
C ILE B 346 -9.68 15.53 -28.20
N LEU B 347 -10.36 16.44 -28.88
CA LEU B 347 -11.65 16.12 -29.49
C LEU B 347 -11.54 15.00 -30.52
N ARG B 348 -10.45 15.02 -31.30
CA ARG B 348 -10.21 13.99 -32.31
C ARG B 348 -10.01 12.61 -31.68
N PHE B 349 -9.13 12.54 -30.66
CA PHE B 349 -8.96 11.33 -29.91
C PHE B 349 -10.27 10.84 -29.28
N GLN B 350 -11.01 11.77 -28.65
N GLN B 350 -11.02 11.75 -28.64
CA GLN B 350 -12.28 11.47 -27.98
CA GLN B 350 -12.26 11.37 -27.97
C GLN B 350 -13.27 10.84 -28.95
C GLN B 350 -13.28 10.82 -28.97
N LYS B 351 -13.39 11.47 -30.12
CA LYS B 351 -14.35 11.03 -31.14
C LYS B 351 -13.99 9.66 -31.70
N GLU B 352 -12.72 9.44 -32.04
CA GLU B 352 -12.31 8.14 -32.57
C GLU B 352 -12.49 7.04 -31.53
N LEU B 353 -12.08 7.29 -30.28
CA LEU B 353 -12.26 6.29 -29.23
C LEU B 353 -13.74 5.95 -29.05
N LYS B 354 -14.59 6.96 -29.02
CA LYS B 354 -16.03 6.79 -28.86
C LYS B 354 -16.60 5.94 -29.99
N GLU B 355 -16.19 6.23 -31.21
CA GLU B 355 -16.71 5.49 -32.37
C GLU B 355 -16.29 4.03 -32.32
N ILE B 356 -15.07 3.77 -31.86
CA ILE B 356 -14.58 2.41 -31.71
C ILE B 356 -15.30 1.70 -30.54
N GLN B 357 -15.35 2.37 -29.39
CA GLN B 357 -15.88 1.77 -28.18
C GLN B 357 -17.36 1.40 -28.26
N TYR B 358 -18.15 2.24 -28.92
CA TYR B 358 -19.59 1.98 -29.08
C TYR B 358 -19.93 1.23 -30.37
N GLY B 359 -18.91 0.75 -31.08
CA GLY B 359 -19.11 -0.12 -32.23
C GLY B 359 -19.47 0.56 -33.52
N ILE B 360 -19.36 1.89 -33.57
CA ILE B 360 -19.71 2.65 -34.78
C ILE B 360 -18.71 2.30 -35.90
N ARG B 361 -17.45 2.09 -35.54
CA ARG B 361 -16.50 1.56 -36.51
C ARG B 361 -15.87 0.30 -35.96
N ALA B 362 -15.73 -0.70 -36.83
CA ALA B 362 -15.21 -1.99 -36.45
C ALA B 362 -13.75 -1.81 -36.07
N HIS B 363 -13.31 -2.53 -35.04
CA HIS B 363 -11.93 -2.45 -34.64
C HIS B 363 -11.53 -3.65 -33.81
N GLU B 364 -10.33 -4.16 -34.06
CA GLU B 364 -9.80 -5.32 -33.34
C GLU B 364 -9.52 -5.02 -31.85
N TRP B 365 -9.48 -3.74 -31.48
CA TRP B 365 -9.36 -3.37 -30.08
C TRP B 365 -10.57 -3.79 -29.26
N MET B 366 -11.73 -4.00 -29.89
CA MET B 366 -12.92 -4.34 -29.15
C MET B 366 -13.14 -5.84 -29.05
N PHE B 367 -13.47 -6.27 -27.85
CA PHE B 367 -13.71 -7.68 -27.53
C PHE B 367 -15.20 -7.81 -27.26
N PRO B 368 -15.91 -8.54 -28.14
CA PRO B 368 -17.35 -8.68 -27.91
C PRO B 368 -17.69 -9.57 -26.71
N VAL B 369 -18.72 -9.15 -25.97
CA VAL B 369 -19.30 -9.93 -24.88
C VAL B 369 -20.43 -10.79 -25.45
#